data_6W39
#
_entry.id   6W39
#
_cell.length_a   77.707
_cell.length_b   82.922
_cell.length_c   164.623
_cell.angle_alpha   90.000
_cell.angle_beta   90.000
_cell.angle_gamma   90.000
#
_symmetry.space_group_name_H-M   'P 21 21 21'
#
loop_
_entity.id
_entity.type
_entity.pdbx_description
1 polymer 'Serine/threonine-protein kinase/endoribonuclease IRE1'
2 non-polymer 'ethyl ~{N}-[6-methyl-5-[3-[2-[[(3~{S})-piperidin-3-yl]amino]pyrimidin-4-yl]pyridin-2-yl]oxy-naphthalen-1-yl]carbamate'
3 water water
#
_entity_poly.entity_id   1
_entity_poly.type   'polypeptide(L)'
_entity_poly.pdbx_seq_one_letter_code
;GSSPSLEQDDGDEETSVVIVGKISFCPKDVLGHGAEGTIVYRGMFDNRDVAVKRILPECFSFADREVQLLRESDEHPNVI
RYFCTEKDRQFQYIAIELCAATLQEYVEQKDFAHLGLEPITLLQQTTSGLAHLHSLNIVHRDLKPHNILISMPNAHGKIK
AMISDFGLCKKLAVGRHSFSRRSGVPGTEGWIAPEMLSEDCKENPTYTVDIFSAGCVFYYVISEGSHPFGKSLQRQANIL
LGACSLDCLHPEKHEDVIARELIEKMIAMDPQKRPSAKHVLKHPFFWSLEKQLQFFQDVSDRIEKESLDGPIVKQLERGG
RAVVKMDWRENITVPLQTDLRKFRTYKGGSVRDLLRAMRNKKHHYRELPAEVRETLGSLPDDFVCYFTSRFPHLLAHTYR
AMELCSHERLFQPYYFHEPPEPQPPVTPDAL
;
_entity_poly.pdbx_strand_id   A,B
#
# COMPACT_ATOMS: atom_id res chain seq x y z
N VAL A 17 34.24 -25.14 -4.66
CA VAL A 17 33.49 -24.38 -3.66
C VAL A 17 34.38 -23.40 -2.92
N VAL A 18 34.13 -22.11 -3.14
CA VAL A 18 34.96 -21.04 -2.59
C VAL A 18 34.26 -20.35 -1.43
N ILE A 19 35.00 -20.18 -0.33
CA ILE A 19 34.47 -19.55 0.87
C ILE A 19 35.31 -18.33 1.19
N VAL A 20 34.64 -17.19 1.38
CA VAL A 20 35.31 -15.94 1.71
C VAL A 20 34.50 -15.28 2.82
N GLY A 21 34.86 -15.59 4.05
CA GLY A 21 34.11 -15.10 5.20
C GLY A 21 32.73 -15.70 5.22
N LYS A 22 31.72 -14.83 5.23
CA LYS A 22 30.34 -15.27 5.32
C LYS A 22 29.75 -15.60 3.96
N ILE A 23 30.43 -15.15 2.89
CA ILE A 23 29.99 -15.40 1.52
C ILE A 23 30.63 -16.67 0.96
N SER A 24 29.81 -17.54 0.38
CA SER A 24 30.32 -18.73 -0.31
C SER A 24 29.65 -18.91 -1.67
N PHE A 25 30.33 -19.61 -2.57
CA PHE A 25 29.77 -19.89 -3.88
C PHE A 25 30.62 -20.92 -4.61
N CYS A 26 30.00 -21.71 -5.48
CA CYS A 26 30.73 -22.63 -6.33
C CYS A 26 30.99 -21.93 -7.66
N PRO A 27 32.26 -21.71 -8.03
CA PRO A 27 32.54 -20.96 -9.26
C PRO A 27 31.96 -21.63 -10.50
N LYS A 28 31.45 -22.85 -10.36
CA LYS A 28 30.72 -23.50 -11.44
C LYS A 28 29.48 -22.71 -11.80
N ASP A 29 28.82 -22.14 -10.79
CA ASP A 29 27.50 -21.53 -10.98
C ASP A 29 27.58 -20.05 -11.38
N VAL A 30 27.95 -19.78 -12.63
CA VAL A 30 28.12 -18.40 -13.10
C VAL A 30 26.82 -17.80 -13.63
N LEU A 31 26.46 -16.60 -13.15
CA LEU A 31 25.23 -15.93 -13.57
C LEU A 31 25.45 -14.83 -14.63
N GLY A 32 26.67 -14.31 -14.74
CA GLY A 32 26.96 -13.29 -15.75
C GLY A 32 28.24 -12.49 -15.58
N HIS A 33 28.41 -11.51 -16.47
CA HIS A 33 29.58 -10.64 -16.50
C HIS A 33 29.17 -9.18 -16.69
N ALA A 35 31.78 -6.52 -17.02
CA ALA A 35 32.39 -5.21 -17.15
C ALA A 35 33.61 -5.08 -16.25
N GLU A 36 34.79 -5.02 -16.86
CA GLU A 36 36.04 -4.82 -16.13
C GLU A 36 36.43 -6.06 -15.32
N GLY A 37 36.19 -7.23 -15.89
CA GLY A 37 36.59 -8.49 -15.26
C GLY A 37 35.69 -8.95 -14.14
N THR A 38 34.55 -8.29 -13.97
CA THR A 38 33.59 -8.68 -12.94
C THR A 38 32.84 -9.92 -13.36
N ILE A 39 32.65 -10.84 -12.41
CA ILE A 39 31.84 -12.02 -12.60
C ILE A 39 30.78 -12.12 -11.49
N VAL A 40 29.58 -12.57 -11.85
CA VAL A 40 28.51 -12.77 -10.88
C VAL A 40 28.19 -14.26 -10.74
N TYR A 41 28.20 -14.75 -9.50
CA TYR A 41 28.00 -16.17 -9.21
C TYR A 41 26.76 -16.40 -8.37
N ARG A 42 26.18 -17.59 -8.52
CA ARG A 42 25.17 -18.02 -7.58
C ARG A 42 25.87 -18.45 -6.31
N GLY A 43 25.37 -18.00 -5.16
CA GLY A 43 26.07 -18.25 -3.92
C GLY A 43 25.19 -18.27 -2.70
N MET A 44 25.84 -18.18 -1.54
CA MET A 44 25.19 -18.29 -0.25
C MET A 44 25.76 -17.25 0.70
N PHE A 45 24.90 -16.68 1.53
CA PHE A 45 25.33 -15.81 2.62
C PHE A 45 24.44 -16.04 3.81
N ASP A 46 25.03 -16.36 4.94
CA ASP A 46 24.26 -16.61 6.15
C ASP A 46 23.05 -17.49 5.88
N ASN A 47 23.26 -18.56 5.10
CA ASN A 47 22.20 -19.49 4.71
C ASN A 47 21.06 -18.88 3.92
N ARG A 48 21.32 -17.73 3.30
CA ARG A 48 20.40 -17.17 2.32
C ARG A 48 20.93 -17.46 0.92
N ASP A 49 20.05 -17.66 -0.05
CA ASP A 49 20.46 -17.67 -1.45
C ASP A 49 20.83 -16.26 -1.87
N VAL A 50 21.99 -16.08 -2.50
CA VAL A 50 22.40 -14.77 -2.98
C VAL A 50 23.05 -14.86 -4.34
N ALA A 51 23.09 -13.72 -5.02
CA ALA A 51 23.96 -13.55 -6.17
C ALA A 51 25.23 -12.83 -5.68
N VAL A 52 26.39 -13.30 -6.10
CA VAL A 52 27.66 -12.80 -5.60
C VAL A 52 28.49 -12.20 -6.72
N LYS A 53 28.65 -10.88 -6.69
CA LYS A 53 29.48 -10.18 -7.66
C LYS A 53 30.92 -10.07 -7.18
N ARG A 54 31.86 -10.54 -8.01
CA ARG A 54 33.28 -10.46 -7.71
C ARG A 54 33.94 -9.32 -8.46
N ILE A 55 34.60 -8.43 -7.73
CA ILE A 55 35.20 -7.23 -8.30
C ILE A 55 36.72 -7.33 -8.26
N LEU A 56 37.36 -6.92 -9.35
CA LEU A 56 38.83 -6.93 -9.43
C LEU A 56 39.39 -5.68 -8.75
N PRO A 57 40.60 -5.79 -8.13
CA PRO A 57 41.19 -4.73 -7.32
C PRO A 57 41.22 -3.34 -7.98
N GLU A 58 41.23 -3.32 -9.31
CA GLU A 58 41.24 -2.06 -10.04
C GLU A 58 39.96 -1.24 -9.83
N CYS A 59 38.96 -1.83 -9.16
CA CYS A 59 37.66 -1.19 -9.03
C CYS A 59 37.19 -0.99 -7.58
N PHE A 60 38.01 -1.42 -6.61
CA PHE A 60 37.62 -1.40 -5.19
C PHE A 60 37.06 -0.05 -4.70
N SER A 61 37.59 1.05 -5.22
CA SER A 61 37.15 2.38 -4.79
C SER A 61 35.69 2.64 -5.18
N PHE A 62 35.33 2.15 -6.36
CA PHE A 62 33.99 2.36 -6.91
C PHE A 62 33.01 1.39 -6.28
N ALA A 63 33.51 0.21 -5.93
CA ALA A 63 32.69 -0.81 -5.26
C ALA A 63 32.24 -0.30 -3.91
N ASP A 64 33.12 0.41 -3.22
CA ASP A 64 32.76 0.94 -1.92
C ASP A 64 31.72 2.05 -2.08
N ARG A 65 31.73 2.72 -3.22
CA ARG A 65 30.67 3.67 -3.53
C ARG A 65 29.36 2.91 -3.79
N GLU A 66 29.46 1.88 -4.62
CA GLU A 66 28.33 0.97 -4.90
C GLU A 66 27.67 0.45 -3.62
N VAL A 67 28.51 -0.05 -2.71
CA VAL A 67 28.01 -0.68 -1.49
C VAL A 67 27.32 0.34 -0.60
N GLN A 68 27.89 1.54 -0.48
CA GLN A 68 27.29 2.58 0.33
C GLN A 68 25.89 2.92 -0.19
N LEU A 69 25.76 3.00 -1.51
CA LEU A 69 24.47 3.33 -2.12
C LEU A 69 23.45 2.26 -1.80
N LEU A 70 23.86 1.01 -1.90
CA LEU A 70 22.97 -0.10 -1.60
C LEU A 70 22.44 0.00 -0.15
N ARG A 71 23.31 0.36 0.80
CA ARG A 71 22.89 0.50 2.22
C ARG A 71 21.83 1.55 2.51
N GLU A 72 21.94 2.72 1.87
CA GLU A 72 21.01 3.82 2.10
C GLU A 72 19.69 3.62 1.36
N SER A 73 19.69 2.70 0.39
CA SER A 73 18.61 2.59 -0.57
C SER A 73 17.71 1.33 -0.46
N ASP A 74 18.25 0.21 0.04
CA ASP A 74 17.54 -1.08 -0.14
C ASP A 74 16.40 -1.39 0.87
N GLU A 75 15.90 -0.40 1.59
N GLU A 75 16.00 -0.34 1.60
CA GLU A 75 14.75 -0.67 2.44
CA GLU A 75 14.79 -0.31 2.43
C GLU A 75 13.46 -0.74 1.64
C GLU A 75 13.61 0.27 1.65
N HIS A 76 13.48 -0.20 0.42
CA HIS A 76 12.25 -0.09 -0.38
C HIS A 76 12.07 -1.45 -1.06
N PRO A 77 10.84 -1.96 -1.13
CA PRO A 77 10.66 -3.30 -1.68
C PRO A 77 11.04 -3.46 -3.16
N ASN A 78 11.05 -2.37 -3.92
CA ASN A 78 11.41 -2.44 -5.32
C ASN A 78 12.79 -1.84 -5.56
N VAL A 79 13.63 -1.87 -4.53
CA VAL A 79 15.07 -1.69 -4.68
C VAL A 79 15.74 -2.97 -4.20
N ILE A 80 16.74 -3.46 -4.94
CA ILE A 80 17.31 -4.76 -4.66
C ILE A 80 17.84 -4.83 -3.21
N ARG A 81 17.54 -5.91 -2.49
CA ARG A 81 18.07 -6.08 -1.14
C ARG A 81 19.56 -6.45 -1.16
N TYR A 82 20.35 -5.72 -0.37
CA TYR A 82 21.81 -5.95 -0.29
C TYR A 82 22.14 -6.55 1.07
N PHE A 83 22.98 -7.59 1.09
CA PHE A 83 23.24 -8.32 2.33
C PHE A 83 24.61 -8.10 2.91
N CYS A 84 25.66 -8.17 2.09
CA CYS A 84 26.99 -8.19 2.65
C CYS A 84 28.06 -8.03 1.60
N THR A 85 29.23 -7.61 2.04
CA THR A 85 30.40 -7.54 1.18
C THR A 85 31.58 -8.11 1.93
N GLU A 86 32.40 -8.92 1.25
CA GLU A 86 33.64 -9.44 1.82
C GLU A 86 34.76 -9.21 0.84
N LYS A 87 35.98 -9.36 1.33
CA LYS A 87 37.16 -9.06 0.54
C LYS A 87 38.26 -10.00 0.98
N ASP A 88 38.78 -10.81 0.05
CA ASP A 88 39.98 -11.59 0.30
C ASP A 88 41.17 -10.81 -0.22
N ARG A 89 42.31 -11.48 -0.38
CA ARG A 89 43.53 -10.82 -0.84
C ARG A 89 43.30 -10.12 -2.17
N GLN A 90 42.76 -10.85 -3.15
CA GLN A 90 42.73 -10.38 -4.53
C GLN A 90 41.35 -9.88 -5.03
N PHE A 91 40.29 -10.13 -4.28
CA PHE A 91 38.94 -9.77 -4.75
C PHE A 91 38.06 -9.15 -3.69
N GLN A 92 36.99 -8.50 -4.16
CA GLN A 92 35.92 -7.99 -3.29
C GLN A 92 34.62 -8.58 -3.77
N TYR A 93 33.82 -9.10 -2.85
CA TYR A 93 32.57 -9.78 -3.19
C TYR A 93 31.38 -9.01 -2.66
N ILE A 94 30.37 -8.85 -3.50
CA ILE A 94 29.14 -8.18 -3.08
C ILE A 94 27.94 -9.13 -3.24
N ALA A 95 27.27 -9.42 -2.14
CA ALA A 95 26.15 -10.34 -2.14
C ALA A 95 24.82 -9.60 -2.06
N ILE A 96 23.95 -9.91 -3.01
CA ILE A 96 22.60 -9.38 -3.01
C ILE A 96 21.60 -10.52 -3.16
N GLU A 97 20.33 -10.18 -3.05
CA GLU A 97 19.24 -11.12 -3.13
C GLU A 97 19.30 -11.86 -4.45
N LEU A 98 19.12 -13.18 -4.41
CA LEU A 98 19.06 -14.00 -5.63
C LEU A 98 17.71 -13.89 -6.24
N CYS A 99 17.70 -13.57 -7.53
CA CYS A 99 16.47 -13.32 -8.26
C CYS A 99 16.22 -14.37 -9.32
N ALA A 100 14.98 -14.39 -9.82
CA ALA A 100 14.58 -15.32 -10.88
C ALA A 100 15.10 -14.97 -12.25
N ALA A 101 15.19 -13.69 -12.55
CA ALA A 101 15.49 -13.25 -13.89
C ALA A 101 15.73 -11.75 -13.94
N THR A 102 16.39 -11.29 -14.97
CA THR A 102 16.40 -9.87 -15.30
C THR A 102 15.18 -9.65 -16.15
N LEU A 103 14.80 -8.39 -16.28
CA LEU A 103 13.64 -8.03 -17.06
C LEU A 103 13.89 -8.32 -18.52
N GLN A 104 15.15 -8.23 -18.93
CA GLN A 104 15.53 -8.57 -20.30
C GLN A 104 15.23 -10.05 -20.60
N GLU A 105 15.67 -10.92 -19.69
CA GLU A 105 15.38 -12.34 -19.79
C GLU A 105 13.88 -12.59 -19.77
N TYR A 106 13.20 -11.91 -18.88
CA TYR A 106 11.76 -12.10 -18.73
C TYR A 106 11.03 -11.75 -20.02
N VAL A 107 11.41 -10.64 -20.65
CA VAL A 107 10.72 -10.20 -21.86
C VAL A 107 11.08 -11.05 -23.06
N GLU A 108 12.33 -11.46 -23.15
CA GLU A 108 12.84 -12.10 -24.36
C GLU A 108 12.83 -13.64 -24.30
N GLN A 109 13.22 -14.24 -23.17
CA GLN A 109 13.22 -15.71 -23.04
C GLN A 109 11.80 -16.27 -23.05
N LYS A 110 11.66 -17.44 -23.66
CA LYS A 110 10.40 -18.18 -23.66
C LYS A 110 10.18 -18.90 -22.33
N ASP A 111 8.90 -19.01 -21.95
CA ASP A 111 8.42 -19.79 -20.80
C ASP A 111 8.10 -18.92 -19.59
N PHE A 112 8.84 -17.82 -19.39
CA PHE A 112 8.54 -16.91 -18.28
C PHE A 112 7.10 -16.43 -18.39
N ALA A 113 6.56 -16.47 -19.62
CA ALA A 113 5.19 -16.04 -19.88
C ALA A 113 4.21 -16.82 -19.03
N HIS A 114 4.63 -18.00 -18.59
CA HIS A 114 3.78 -18.86 -17.77
C HIS A 114 3.75 -18.38 -16.31
N LEU A 115 4.69 -17.51 -15.92
CA LEU A 115 4.64 -16.89 -14.59
C LEU A 115 3.45 -15.94 -14.50
N GLY A 116 2.91 -15.58 -15.67
CA GLY A 116 1.70 -14.77 -15.76
C GLY A 116 1.81 -13.48 -14.98
N LEU A 117 2.92 -12.76 -15.14
CA LEU A 117 3.12 -11.51 -14.42
C LEU A 117 2.33 -10.42 -15.12
N GLU A 118 1.83 -9.47 -14.35
CA GLU A 118 1.07 -8.38 -14.93
C GLU A 118 2.07 -7.31 -15.39
N PRO A 119 2.13 -7.03 -16.70
CA PRO A 119 3.19 -6.10 -17.11
C PRO A 119 3.08 -4.72 -16.48
N ILE A 120 1.87 -4.23 -16.31
CA ILE A 120 1.68 -2.91 -15.74
C ILE A 120 2.17 -2.89 -14.30
N THR A 121 1.99 -4.00 -13.59
CA THR A 121 2.38 -4.06 -12.20
C THR A 121 3.91 -4.08 -12.08
N LEU A 122 4.58 -4.84 -12.94
CA LEU A 122 6.05 -4.75 -13.03
C LEU A 122 6.53 -3.33 -13.25
N LEU A 123 5.86 -2.61 -14.17
CA LEU A 123 6.26 -1.24 -14.46
C LEU A 123 5.96 -0.30 -13.29
N GLN A 124 4.86 -0.55 -12.59
CA GLN A 124 4.52 0.28 -11.42
C GLN A 124 5.57 0.12 -10.33
N GLN A 125 5.95 -1.13 -10.10
CA GLN A 125 6.99 -1.50 -9.15
C GLN A 125 8.34 -0.90 -9.48
N THR A 126 8.75 -1.02 -10.75
CA THR A 126 9.99 -0.40 -11.22
C THR A 126 9.99 1.08 -10.94
N THR A 127 8.88 1.74 -11.22
CA THR A 127 8.81 3.16 -11.12
C THR A 127 8.72 3.58 -9.63
N SER A 128 8.10 2.76 -8.80
CA SER A 128 8.11 3.04 -7.36
C SER A 128 9.52 2.98 -6.80
N GLY A 129 10.32 2.03 -7.26
CA GLY A 129 11.71 1.95 -6.85
C GLY A 129 12.50 3.16 -7.30
N LEU A 130 12.24 3.60 -8.52
CA LEU A 130 12.93 4.76 -9.07
C LEU A 130 12.55 6.02 -8.29
N ALA A 131 11.27 6.16 -8.00
CA ALA A 131 10.79 7.32 -7.22
C ALA A 131 11.49 7.35 -5.86
N HIS A 132 11.71 6.17 -5.31
CA HIS A 132 12.36 6.07 -4.00
C HIS A 132 13.78 6.59 -4.13
N LEU A 133 14.47 6.11 -5.16
CA LEU A 133 15.83 6.56 -5.40
C LEU A 133 15.86 8.07 -5.62
N HIS A 134 14.91 8.60 -6.39
CA HIS A 134 14.93 10.03 -6.66
C HIS A 134 14.68 10.82 -5.37
N SER A 135 13.86 10.27 -4.48
CA SER A 135 13.56 10.95 -3.21
C SER A 135 14.78 11.00 -2.31
N LEU A 136 15.80 10.22 -2.63
CA LEU A 136 17.04 10.20 -1.86
C LEU A 136 18.13 10.95 -2.59
N ASN A 137 17.72 11.72 -3.59
CA ASN A 137 18.65 12.50 -4.42
C ASN A 137 19.61 11.58 -5.15
N ILE A 138 19.11 10.42 -5.53
CA ILE A 138 19.92 9.47 -6.28
C ILE A 138 19.37 9.38 -7.69
N VAL A 139 20.25 9.56 -8.65
CA VAL A 139 19.94 9.42 -10.07
C VAL A 139 20.50 8.09 -10.52
N HIS A 140 19.66 7.30 -11.18
CA HIS A 140 20.09 5.96 -11.59
C HIS A 140 21.18 6.03 -12.64
N ARG A 141 20.90 6.74 -13.72
CA ARG A 141 21.82 7.04 -14.81
C ARG A 141 21.95 5.91 -15.82
N ASP A 142 21.55 4.70 -15.47
CA ASP A 142 21.75 3.58 -16.40
C ASP A 142 20.61 2.56 -16.36
N LEU A 143 19.36 3.04 -16.27
CA LEU A 143 18.23 2.13 -16.13
C LEU A 143 17.99 1.41 -17.46
N LYS A 144 17.84 0.09 -17.40
CA LYS A 144 17.56 -0.72 -18.57
C LYS A 144 17.10 -2.12 -18.12
N PRO A 145 16.56 -2.90 -19.06
CA PRO A 145 15.96 -4.15 -18.59
C PRO A 145 16.95 -5.12 -17.95
N HIS A 146 18.20 -5.09 -18.39
CA HIS A 146 19.24 -5.93 -17.81
C HIS A 146 19.45 -5.72 -16.30
N ASN A 147 19.18 -4.53 -15.77
CA ASN A 147 19.38 -4.31 -14.32
C ASN A 147 18.09 -4.10 -13.54
N ILE A 148 16.96 -4.39 -14.16
CA ILE A 148 15.71 -4.50 -13.43
C ILE A 148 15.59 -5.97 -13.12
N LEU A 149 15.59 -6.33 -11.84
CA LEU A 149 15.55 -7.73 -11.48
C LEU A 149 14.15 -8.18 -11.09
N ILE A 150 13.85 -9.41 -11.41
CA ILE A 150 12.58 -10.04 -11.11
C ILE A 150 12.76 -11.08 -9.98
N SER A 151 12.10 -10.89 -8.85
CA SER A 151 12.32 -11.71 -7.66
C SER A 151 11.89 -13.16 -7.83
N MET A 152 12.43 -14.04 -6.99
CA MET A 152 11.88 -15.38 -6.80
C MET A 152 10.50 -15.21 -6.21
N PRO A 153 9.60 -16.16 -6.46
CA PRO A 153 8.28 -16.03 -5.81
C PRO A 153 8.37 -16.23 -4.31
N ASN A 154 7.61 -15.42 -3.58
CA ASN A 154 7.57 -15.51 -2.13
C ASN A 154 6.56 -16.57 -1.76
N ALA A 155 6.28 -16.69 -0.47
CA ALA A 155 5.48 -17.80 0.06
C ALA A 155 4.08 -17.78 -0.53
N HIS A 156 3.64 -16.60 -0.95
CA HIS A 156 2.32 -16.45 -1.55
C HIS A 156 2.35 -16.30 -3.05
N GLY A 157 3.45 -16.75 -3.67
CA GLY A 157 3.53 -16.78 -5.12
C GLY A 157 3.75 -15.45 -5.81
N LYS A 158 3.99 -14.41 -5.03
CA LYS A 158 4.16 -13.09 -5.61
C LYS A 158 5.60 -12.85 -6.03
N ILE A 159 5.70 -12.19 -7.18
CA ILE A 159 6.96 -11.87 -7.81
C ILE A 159 6.99 -10.37 -8.04
N LYS A 160 8.12 -9.74 -7.77
CA LYS A 160 8.24 -8.30 -7.92
C LYS A 160 9.49 -7.84 -8.65
N ALA A 161 9.41 -6.64 -9.20
CA ALA A 161 10.55 -6.00 -9.83
C ALA A 161 11.33 -5.18 -8.81
N MET A 162 12.65 -5.19 -8.95
CA MET A 162 13.55 -4.41 -8.10
C MET A 162 14.61 -3.76 -8.97
N ILE A 163 14.96 -2.52 -8.69
CA ILE A 163 16.00 -1.87 -9.47
C ILE A 163 17.33 -2.14 -8.82
N SER A 164 18.34 -2.25 -9.67
CA SER A 164 19.74 -2.44 -9.27
C SER A 164 20.68 -1.59 -10.16
N ASP A 165 21.97 -1.58 -9.82
CA ASP A 165 23.00 -1.00 -10.68
C ASP A 165 22.80 0.50 -10.83
N PHE A 166 22.22 1.13 -9.81
CA PHE A 166 22.00 2.59 -9.81
C PHE A 166 23.12 3.42 -9.20
N GLY A 167 23.12 4.71 -9.55
CA GLY A 167 24.05 5.69 -9.01
C GLY A 167 25.47 5.58 -9.52
N LEU A 168 25.72 4.58 -10.34
CA LEU A 168 27.07 4.28 -10.83
C LEU A 168 27.30 4.97 -12.18
N THR A 188 27.05 -2.11 -25.28
CA THR A 188 26.33 -1.16 -26.13
C THR A 188 25.30 -0.39 -25.29
N GLU A 189 24.69 0.64 -25.90
CA GLU A 189 23.79 1.54 -25.19
C GLU A 189 22.35 1.33 -25.64
N GLY A 190 21.63 2.41 -25.98
CA GLY A 190 20.25 2.30 -26.41
C GLY A 190 19.20 2.80 -25.44
N TRP A 191 19.62 3.14 -24.22
CA TRP A 191 18.66 3.52 -23.19
C TRP A 191 19.01 4.88 -22.60
N ILE A 192 19.95 5.59 -23.21
CA ILE A 192 20.48 6.80 -22.62
C ILE A 192 19.79 8.02 -23.16
N ALA A 193 19.31 8.90 -22.28
CA ALA A 193 18.67 10.14 -22.71
C ALA A 193 19.60 10.98 -23.58
N PRO A 194 19.05 11.63 -24.59
CA PRO A 194 19.89 12.25 -25.61
C PRO A 194 20.73 13.39 -25.03
N GLU A 195 20.26 14.04 -23.98
CA GLU A 195 21.00 15.16 -23.43
C GLU A 195 22.21 14.71 -22.64
N MET A 196 22.25 13.44 -22.25
CA MET A 196 23.40 12.95 -21.51
C MET A 196 24.56 12.61 -22.45
N LEU A 197 24.30 12.52 -23.75
CA LEU A 197 25.37 12.36 -24.73
C LEU A 197 25.76 13.71 -25.30
N SER A 198 24.75 14.53 -25.56
CA SER A 198 24.95 15.87 -26.08
C SER A 198 25.70 16.75 -25.08
N GLU A 203 28.07 18.19 -15.72
CA GLU A 203 28.64 16.86 -15.50
C GLU A 203 27.82 16.05 -14.49
N ASN A 204 26.70 16.63 -14.05
CA ASN A 204 25.84 15.97 -13.06
C ASN A 204 24.38 15.90 -13.53
N PRO A 205 23.97 14.71 -14.01
CA PRO A 205 22.63 14.58 -14.59
C PRO A 205 21.51 14.73 -13.58
N THR A 206 20.35 15.17 -14.05
CA THR A 206 19.16 15.25 -13.22
C THR A 206 18.23 14.04 -13.44
N TYR A 207 17.21 13.98 -12.61
CA TYR A 207 16.34 12.82 -12.53
CA TYR A 207 16.35 12.82 -12.53
C TYR A 207 15.63 12.52 -13.84
N THR A 208 15.48 13.53 -14.71
CA THR A 208 14.70 13.32 -15.93
C THR A 208 15.39 12.37 -16.89
N VAL A 209 16.71 12.17 -16.77
CA VAL A 209 17.37 11.18 -17.64
C VAL A 209 16.83 9.78 -17.35
N ASP A 210 16.45 9.50 -16.10
CA ASP A 210 15.93 8.20 -15.75
C ASP A 210 14.51 8.06 -16.26
N ILE A 211 13.82 9.18 -16.40
CA ILE A 211 12.44 9.10 -16.84
C ILE A 211 12.42 8.72 -18.35
N PHE A 212 13.41 9.18 -19.09
CA PHE A 212 13.56 8.83 -20.53
C PHE A 212 13.78 7.34 -20.66
N SER A 213 14.74 6.84 -19.88
CA SER A 213 15.02 5.41 -19.90
C SER A 213 13.82 4.58 -19.50
N ALA A 214 13.15 4.96 -18.42
CA ALA A 214 11.92 4.28 -18.02
C ALA A 214 10.83 4.28 -19.11
N GLY A 215 10.70 5.37 -19.85
CA GLY A 215 9.73 5.44 -20.94
C GLY A 215 10.04 4.37 -21.96
N CYS A 216 11.32 4.22 -22.30
CA CYS A 216 11.70 3.14 -23.22
C CYS A 216 11.44 1.76 -22.62
N VAL A 217 11.75 1.55 -21.35
CA VAL A 217 11.44 0.27 -20.70
C VAL A 217 9.95 0.00 -20.71
N PHE A 218 9.13 1.03 -20.49
CA PHE A 218 7.68 0.84 -20.48
C PHE A 218 7.23 0.24 -21.81
N TYR A 219 7.67 0.85 -22.91
CA TYR A 219 7.28 0.39 -24.24
C TYR A 219 7.80 -1.01 -24.52
N TYR A 220 9.05 -1.24 -24.12
CA TYR A 220 9.70 -2.53 -24.22
C TYR A 220 8.90 -3.65 -23.55
N VAL A 221 8.36 -3.38 -22.38
CA VAL A 221 7.55 -4.37 -21.67
C VAL A 221 6.16 -4.55 -22.33
N ILE A 222 5.41 -3.50 -22.57
CA ILE A 222 4.04 -3.72 -23.03
C ILE A 222 4.03 -4.18 -24.48
N SER A 223 5.08 -3.88 -25.24
CA SER A 223 5.19 -4.38 -26.60
C SER A 223 5.91 -5.73 -26.72
N GLU A 224 6.34 -6.28 -25.59
CA GLU A 224 7.05 -7.55 -25.54
C GLU A 224 8.30 -7.57 -26.41
N GLY A 225 9.10 -6.51 -26.34
CA GLY A 225 10.47 -6.56 -26.81
C GLY A 225 10.85 -5.52 -27.84
N SER A 226 9.90 -4.67 -28.26
CA SER A 226 10.27 -3.53 -29.12
C SER A 226 10.77 -2.35 -28.30
N HIS A 227 11.30 -1.35 -28.99
CA HIS A 227 11.94 -0.21 -28.36
C HIS A 227 11.55 0.99 -29.20
N PRO A 228 11.20 2.13 -28.57
CA PRO A 228 10.73 3.28 -29.36
C PRO A 228 11.73 3.74 -30.42
N PHE A 229 13.01 3.51 -30.16
CA PHE A 229 14.05 3.96 -31.06
C PHE A 229 14.72 2.85 -31.89
N GLY A 230 14.08 1.71 -31.96
CA GLY A 230 14.38 0.71 -32.97
C GLY A 230 15.15 -0.49 -32.42
N LYS A 231 15.94 -1.10 -33.30
CA LYS A 231 16.61 -2.35 -33.02
C LYS A 231 17.82 -2.09 -32.14
N SER A 232 18.25 -3.10 -31.37
CA SER A 232 19.36 -2.92 -30.42
C SER A 232 20.53 -2.00 -30.82
N LEU A 233 21.18 -2.24 -31.95
CA LEU A 233 22.40 -1.51 -32.29
C LEU A 233 22.15 -0.14 -32.93
N GLN A 234 20.86 0.12 -33.18
CA GLN A 234 20.38 1.30 -33.89
C GLN A 234 19.84 2.37 -32.92
N ARG A 235 19.41 1.93 -31.73
CA ARG A 235 18.66 2.78 -30.79
C ARG A 235 19.34 4.06 -30.40
N GLN A 236 20.60 4.00 -30.01
CA GLN A 236 21.21 5.19 -29.47
C GLN A 236 21.42 6.29 -30.53
N ALA A 237 21.66 5.91 -31.78
CA ALA A 237 21.79 6.91 -32.81
C ALA A 237 20.43 7.49 -33.13
N ASN A 238 19.40 6.67 -33.11
CA ASN A 238 18.06 7.16 -33.41
C ASN A 238 17.60 8.11 -32.28
N ILE A 239 18.04 7.83 -31.05
CA ILE A 239 17.74 8.73 -29.92
C ILE A 239 18.34 10.10 -30.21
N LEU A 240 19.62 10.13 -30.56
CA LEU A 240 20.29 11.38 -30.85
C LEU A 240 19.59 12.06 -31.98
N LEU A 241 19.04 11.29 -32.92
CA LEU A 241 18.36 11.87 -34.08
C LEU A 241 16.85 12.14 -33.84
N GLY A 242 16.34 11.76 -32.68
CA GLY A 242 14.94 11.93 -32.32
C GLY A 242 14.02 11.11 -33.20
N ALA A 243 14.53 9.97 -33.65
CA ALA A 243 13.81 9.10 -34.57
C ALA A 243 13.13 7.96 -33.82
N CYS A 244 11.88 8.18 -33.36
CA CYS A 244 11.17 7.10 -32.66
C CYS A 244 9.81 6.80 -33.25
N SER A 245 9.28 5.66 -32.87
CA SER A 245 7.90 5.32 -33.16
C SER A 245 7.37 4.36 -32.13
N LEU A 246 6.08 4.47 -31.90
CA LEU A 246 5.41 3.67 -30.90
C LEU A 246 4.31 2.86 -31.59
N ASP A 247 4.69 2.24 -32.71
CA ASP A 247 3.73 1.64 -33.63
C ASP A 247 3.01 0.45 -33.07
N CYS A 248 3.56 -0.18 -32.03
CA CYS A 248 2.87 -1.32 -31.43
C CYS A 248 1.66 -0.85 -30.63
N LEU A 249 1.52 0.46 -30.45
CA LEU A 249 0.38 1.01 -29.74
C LEU A 249 -0.69 1.41 -30.74
N HIS A 250 -1.82 0.71 -30.71
CA HIS A 250 -2.91 0.90 -31.68
C HIS A 250 -3.69 2.19 -31.37
N PRO A 251 -4.05 2.96 -32.41
CA PRO A 251 -4.63 4.29 -32.15
C PRO A 251 -6.06 4.27 -31.66
N GLU A 252 -6.72 3.12 -31.72
CA GLU A 252 -8.13 3.03 -31.33
C GLU A 252 -8.39 1.93 -30.31
N LYS A 253 -7.39 1.62 -29.50
CA LYS A 253 -7.58 0.71 -28.37
C LYS A 253 -7.25 1.50 -27.11
N HIS A 254 -8.23 1.55 -26.20
CA HIS A 254 -8.14 2.31 -24.95
C HIS A 254 -6.80 2.13 -24.20
N GLU A 255 -6.41 0.88 -23.99
CA GLU A 255 -5.21 0.60 -23.23
C GLU A 255 -3.98 1.24 -23.92
N ASP A 256 -3.97 1.17 -25.24
CA ASP A 256 -2.86 1.66 -26.05
C ASP A 256 -2.85 3.17 -26.11
N VAL A 257 -4.04 3.76 -26.19
CA VAL A 257 -4.17 5.21 -26.20
C VAL A 257 -3.61 5.77 -24.88
N ILE A 258 -3.98 5.16 -23.76
CA ILE A 258 -3.53 5.64 -22.45
C ILE A 258 -2.01 5.45 -22.30
N ALA A 259 -1.50 4.31 -22.74
CA ALA A 259 -0.07 4.01 -22.65
C ALA A 259 0.73 5.00 -23.47
N ARG A 260 0.27 5.28 -24.70
CA ARG A 260 0.93 6.22 -25.59
C ARG A 260 1.04 7.62 -24.99
N GLU A 261 -0.04 8.08 -24.39
CA GLU A 261 -0.11 9.42 -23.83
C GLU A 261 1.00 9.63 -22.81
N LEU A 262 1.18 8.62 -21.97
CA LEU A 262 2.21 8.60 -20.93
C LEU A 262 3.62 8.44 -21.53
N ILE A 263 3.79 7.43 -22.36
CA ILE A 263 5.13 7.11 -22.87
C ILE A 263 5.71 8.23 -23.74
N GLU A 264 4.88 8.90 -24.54
CA GLU A 264 5.36 9.98 -25.40
C GLU A 264 5.93 11.09 -24.55
N LYS A 265 5.38 11.30 -23.37
CA LYS A 265 5.88 12.34 -22.48
C LYS A 265 7.16 11.92 -21.79
N MET A 266 7.25 10.63 -21.44
CA MET A 266 8.42 10.13 -20.74
C MET A 266 9.65 10.15 -21.64
N ILE A 267 9.50 9.87 -22.94
CA ILE A 267 10.64 9.85 -23.85
C ILE A 267 10.80 11.15 -24.66
N ALA A 268 10.18 12.26 -24.22
CA ALA A 268 10.28 13.53 -24.94
C ALA A 268 11.75 13.96 -25.07
N MET A 269 12.13 14.50 -26.23
CA MET A 269 13.52 14.93 -26.40
C MET A 269 13.85 16.06 -25.41
N ASP A 270 12.87 16.91 -25.12
CA ASP A 270 13.05 18.01 -24.16
C ASP A 270 12.87 17.50 -22.74
N PRO A 271 13.93 17.49 -21.92
CA PRO A 271 13.82 16.87 -20.60
C PRO A 271 12.82 17.56 -19.69
N GLN A 272 12.62 18.85 -19.89
CA GLN A 272 11.73 19.65 -19.04
C GLN A 272 10.28 19.27 -19.28
N LYS A 273 10.01 18.62 -20.41
CA LYS A 273 8.70 18.07 -20.68
C LYS A 273 8.44 16.69 -20.03
N ARG A 274 9.44 16.07 -19.41
CA ARG A 274 9.24 14.72 -18.90
C ARG A 274 8.69 14.77 -17.47
N PRO A 275 7.66 13.96 -17.18
CA PRO A 275 7.15 13.94 -15.80
C PRO A 275 8.09 13.33 -14.78
N SER A 276 8.02 13.80 -13.54
CA SER A 276 8.75 13.12 -12.46
C SER A 276 8.23 11.71 -12.19
N ALA A 277 8.97 10.91 -11.41
CA ALA A 277 8.53 9.55 -11.16
C ALA A 277 7.20 9.48 -10.44
N LYS A 278 7.01 10.35 -9.44
CA LYS A 278 5.78 10.36 -8.68
C LYS A 278 4.63 10.79 -9.58
N HIS A 279 4.94 11.64 -10.52
CA HIS A 279 3.96 12.10 -11.49
C HIS A 279 3.53 10.96 -12.43
N VAL A 280 4.50 10.20 -12.91
CA VAL A 280 4.22 9.01 -13.70
C VAL A 280 3.30 8.04 -12.95
N LEU A 281 3.52 7.88 -11.65
CA LEU A 281 2.77 6.90 -10.91
C LEU A 281 1.31 7.24 -10.74
N LYS A 282 0.96 8.51 -10.95
CA LYS A 282 -0.43 8.97 -10.87
C LYS A 282 -1.20 8.80 -12.16
N HIS A 283 -0.51 8.43 -13.26
CA HIS A 283 -1.13 8.39 -14.57
C HIS A 283 -2.17 7.29 -14.65
N PRO A 284 -3.20 7.47 -15.51
CA PRO A 284 -4.23 6.45 -15.71
C PRO A 284 -3.73 5.11 -16.17
N PHE A 285 -2.56 5.10 -16.81
CA PHE A 285 -1.91 3.84 -17.19
C PHE A 285 -1.94 2.83 -16.04
N PHE A 286 -1.79 3.34 -14.83
CA PHE A 286 -1.70 2.51 -13.64
C PHE A 286 -3.02 2.32 -12.86
N TRP A 287 -4.11 2.97 -13.29
CA TRP A 287 -5.39 2.86 -12.56
C TRP A 287 -6.06 1.52 -12.74
N SER A 288 -6.56 0.96 -11.65
CA SER A 288 -7.46 -0.17 -11.71
C SER A 288 -8.71 0.21 -12.50
N LEU A 289 -9.42 -0.81 -12.97
CA LEU A 289 -10.69 -0.58 -13.66
C LEU A 289 -11.66 0.12 -12.71
N GLU A 290 -11.61 -0.22 -11.43
CA GLU A 290 -12.48 0.42 -10.44
C GLU A 290 -12.15 1.90 -10.30
N LYS A 291 -10.86 2.25 -10.25
CA LYS A 291 -10.49 3.65 -10.20
C LYS A 291 -10.86 4.41 -11.47
N GLN A 292 -10.77 3.78 -12.64
CA GLN A 292 -11.16 4.44 -13.87
C GLN A 292 -12.66 4.77 -13.88
N LEU A 293 -13.46 3.85 -13.37
CA LEU A 293 -14.91 4.06 -13.27
C LEU A 293 -15.19 5.17 -12.27
N GLN A 294 -14.43 5.15 -11.17
CA GLN A 294 -14.60 6.15 -10.12
C GLN A 294 -14.23 7.54 -10.63
N PHE A 295 -13.19 7.64 -11.46
CA PHE A 295 -12.88 8.91 -12.13
C PHE A 295 -14.02 9.41 -13.00
N PHE A 296 -14.60 8.54 -13.82
CA PHE A 296 -15.73 8.89 -14.66
C PHE A 296 -16.93 9.36 -13.83
N GLN A 297 -17.15 8.71 -12.69
CA GLN A 297 -18.25 9.10 -11.82
C GLN A 297 -18.00 10.47 -11.20
N ASP A 298 -16.82 10.69 -10.66
CA ASP A 298 -16.48 11.98 -10.05
C ASP A 298 -16.57 13.09 -11.07
N VAL A 299 -16.00 12.87 -12.26
CA VAL A 299 -16.11 13.86 -13.32
C VAL A 299 -17.57 14.21 -13.59
N SER A 300 -18.41 13.18 -13.64
CA SER A 300 -19.80 13.38 -14.01
C SER A 300 -20.53 14.14 -12.92
N ASP A 301 -20.20 13.83 -11.68
CA ASP A 301 -20.76 14.54 -10.54
C ASP A 301 -20.34 16.01 -10.57
N ARG A 302 -19.06 16.23 -10.84
CA ARG A 302 -18.48 17.58 -10.83
C ARG A 302 -19.13 18.54 -11.83
N ILE A 303 -19.55 18.02 -12.97
CA ILE A 303 -20.04 18.88 -14.05
C ILE A 303 -21.56 18.81 -14.17
N GLU A 304 -22.21 18.24 -13.16
CA GLU A 304 -23.64 18.05 -13.22
C GLU A 304 -24.34 19.42 -13.24
N LYS A 305 -23.87 20.35 -12.42
CA LYS A 305 -24.43 21.70 -12.34
C LYS A 305 -23.53 22.75 -13.01
N GLU A 306 -22.69 22.31 -13.96
CA GLU A 306 -21.78 23.23 -14.63
C GLU A 306 -22.43 23.79 -15.89
N SER A 307 -22.26 25.09 -16.10
CA SER A 307 -22.83 25.74 -17.27
C SER A 307 -22.30 25.09 -18.54
N LEU A 308 -23.20 24.84 -19.49
CA LEU A 308 -22.79 24.24 -20.76
C LEU A 308 -21.88 25.17 -21.52
N ASP A 309 -21.92 26.46 -21.16
CA ASP A 309 -21.07 27.47 -21.76
C ASP A 309 -19.83 27.75 -20.91
N GLY A 310 -19.75 27.15 -19.74
CA GLY A 310 -18.62 27.35 -18.85
C GLY A 310 -17.33 26.77 -19.42
N PRO A 311 -16.19 27.13 -18.82
CA PRO A 311 -14.90 26.66 -19.32
C PRO A 311 -14.70 25.14 -19.20
N ILE A 312 -15.26 24.51 -18.17
CA ILE A 312 -15.03 23.09 -17.96
C ILE A 312 -15.71 22.24 -19.04
N VAL A 313 -17.01 22.47 -19.22
CA VAL A 313 -17.79 21.68 -20.15
C VAL A 313 -17.36 21.95 -21.59
N LYS A 314 -17.05 23.21 -21.90
CA LYS A 314 -16.56 23.55 -23.23
C LYS A 314 -15.26 22.78 -23.49
N GLN A 315 -14.43 22.66 -22.47
CA GLN A 315 -13.17 21.94 -22.61
C GLN A 315 -13.46 20.48 -22.89
N LEU A 316 -14.43 19.94 -22.18
CA LEU A 316 -14.82 18.55 -22.31
C LEU A 316 -15.38 18.24 -23.70
N GLU A 317 -16.08 19.19 -24.31
CA GLU A 317 -16.74 18.95 -25.59
C GLU A 317 -15.84 19.33 -26.76
N ARG A 318 -14.69 19.94 -26.49
CA ARG A 318 -13.77 20.30 -27.57
C ARG A 318 -13.23 19.03 -28.26
N GLY A 319 -13.63 18.80 -29.50
CA GLY A 319 -13.21 17.60 -30.21
C GLY A 319 -13.96 16.36 -29.73
N GLY A 320 -15.11 16.58 -29.10
CA GLY A 320 -15.84 15.50 -28.47
C GLY A 320 -16.59 14.61 -29.46
N ARG A 321 -16.93 15.13 -30.63
CA ARG A 321 -17.75 14.34 -31.54
C ARG A 321 -16.97 13.09 -31.94
N ALA A 322 -15.67 13.27 -32.18
CA ALA A 322 -14.78 12.14 -32.45
C ALA A 322 -14.71 11.14 -31.31
N VAL A 323 -14.77 11.64 -30.07
CA VAL A 323 -14.67 10.78 -28.90
C VAL A 323 -15.92 9.90 -28.75
N VAL A 324 -17.10 10.45 -29.05
CA VAL A 324 -18.34 9.71 -28.91
C VAL A 324 -18.74 9.03 -30.22
N LYS A 325 -17.82 9.02 -31.18
CA LYS A 325 -18.08 8.41 -32.48
C LYS A 325 -19.34 9.01 -33.12
N MET A 326 -19.40 10.35 -33.11
CA MET A 326 -20.47 11.14 -33.74
C MET A 326 -21.76 11.11 -32.94
N ASP A 327 -22.17 9.91 -32.58
CA ASP A 327 -23.37 9.71 -31.78
C ASP A 327 -23.16 8.45 -30.93
N TRP A 328 -22.97 8.61 -29.63
CA TRP A 328 -22.61 7.44 -28.84
C TRP A 328 -23.82 6.53 -28.64
N ARG A 329 -25.03 7.07 -28.87
CA ARG A 329 -26.24 6.26 -28.71
C ARG A 329 -26.31 5.18 -29.78
N GLU A 330 -25.56 5.37 -30.87
CA GLU A 330 -25.52 4.43 -31.98
C GLU A 330 -24.32 3.48 -31.89
N ASN A 331 -23.51 3.63 -30.86
CA ASN A 331 -22.36 2.74 -30.69
C ASN A 331 -22.38 2.08 -29.32
N ILE A 332 -23.58 1.87 -28.82
CA ILE A 332 -23.81 1.04 -27.64
C ILE A 332 -24.74 -0.11 -28.03
N THR A 333 -24.85 -1.11 -27.16
CA THR A 333 -25.67 -2.29 -27.47
C THR A 333 -27.16 -1.97 -27.44
N VAL A 334 -27.92 -2.72 -28.23
CA VAL A 334 -29.37 -2.47 -28.38
C VAL A 334 -30.09 -2.42 -27.03
N PRO A 335 -29.83 -3.39 -26.14
CA PRO A 335 -30.52 -3.36 -24.85
C PRO A 335 -30.27 -2.06 -24.07
N LEU A 336 -29.08 -1.49 -24.21
CA LEU A 336 -28.82 -0.23 -23.52
C LEU A 336 -29.54 0.89 -24.26
N GLN A 337 -29.50 0.86 -25.60
CA GLN A 337 -30.18 1.85 -26.43
C GLN A 337 -31.62 2.01 -25.96
N THR A 338 -32.28 0.87 -25.80
CA THR A 338 -33.69 0.86 -25.44
C THR A 338 -33.86 1.54 -24.09
N ASP A 339 -33.06 1.13 -23.12
CA ASP A 339 -33.16 1.63 -21.76
C ASP A 339 -32.78 3.11 -21.63
N LEU A 340 -32.41 3.71 -22.75
CA LEU A 340 -32.11 5.13 -22.82
C LEU A 340 -33.09 5.83 -23.78
N ARG A 344 -33.98 10.10 -21.10
CA ARG A 344 -34.12 10.25 -22.54
C ARG A 344 -33.83 11.69 -22.99
N THR A 345 -33.18 12.46 -22.12
CA THR A 345 -32.76 13.84 -22.43
C THR A 345 -31.29 13.89 -22.80
N TYR A 346 -30.71 12.75 -23.12
CA TYR A 346 -29.29 12.63 -23.39
C TYR A 346 -28.97 12.84 -24.87
N LYS A 347 -27.99 13.68 -25.15
CA LYS A 347 -27.60 13.96 -26.54
C LYS A 347 -26.47 13.05 -26.98
N GLY A 348 -26.63 12.41 -28.14
CA GLY A 348 -25.65 11.46 -28.62
C GLY A 348 -24.33 12.09 -29.03
N GLY A 349 -24.34 13.40 -29.22
CA GLY A 349 -23.16 14.11 -29.69
C GLY A 349 -22.34 14.69 -28.56
N SER A 350 -22.81 14.52 -27.32
CA SER A 350 -22.18 15.11 -26.13
C SER A 350 -21.40 14.11 -25.27
N VAL A 351 -20.13 14.42 -25.02
CA VAL A 351 -19.32 13.63 -24.08
C VAL A 351 -19.89 13.75 -22.67
N ARG A 352 -20.32 14.97 -22.33
CA ARG A 352 -20.93 15.23 -21.04
C ARG A 352 -22.08 14.27 -20.84
N ASP A 353 -22.89 14.09 -21.87
CA ASP A 353 -24.09 13.26 -21.73
C ASP A 353 -23.75 11.77 -21.67
N LEU A 354 -22.70 11.37 -22.37
CA LEU A 354 -22.22 10.00 -22.25
C LEU A 354 -21.82 9.71 -20.81
N LEU A 355 -21.08 10.64 -20.22
CA LEU A 355 -20.61 10.44 -18.86
C LEU A 355 -21.77 10.38 -17.91
N ARG A 356 -22.74 11.24 -18.14
CA ARG A 356 -23.92 11.28 -17.30
C ARG A 356 -24.67 9.95 -17.40
N ALA A 357 -24.78 9.43 -18.61
CA ALA A 357 -25.47 8.16 -18.85
C ALA A 357 -24.76 7.05 -18.09
N MET A 358 -23.43 7.09 -18.12
CA MET A 358 -22.62 6.09 -17.43
C MET A 358 -22.85 6.16 -15.92
N ARG A 359 -22.77 7.36 -15.36
CA ARG A 359 -22.99 7.56 -13.94
C ARG A 359 -24.40 7.11 -13.56
N ASN A 360 -25.37 7.41 -14.42
CA ASN A 360 -26.75 7.09 -14.15
C ASN A 360 -26.97 5.59 -14.07
N LYS A 361 -26.42 4.86 -15.04
CA LYS A 361 -26.60 3.41 -15.05
C LYS A 361 -25.81 2.77 -13.90
N LYS A 362 -24.67 3.35 -13.55
CA LYS A 362 -23.92 2.87 -12.39
C LYS A 362 -24.74 3.07 -11.13
N HIS A 363 -25.28 4.27 -10.98
CA HIS A 363 -25.95 4.63 -9.75
C HIS A 363 -27.21 3.78 -9.54
N HIS A 364 -27.91 3.50 -10.64
CA HIS A 364 -29.18 2.77 -10.60
C HIS A 364 -29.06 1.31 -11.05
N TYR A 365 -27.83 0.80 -11.09
CA TYR A 365 -27.54 -0.55 -11.56
C TYR A 365 -28.49 -1.63 -11.00
N ARG A 366 -28.76 -1.59 -9.71
CA ARG A 366 -29.57 -2.63 -9.04
C ARG A 366 -31.01 -2.71 -9.56
N GLU A 367 -31.55 -1.58 -10.00
CA GLU A 367 -32.94 -1.53 -10.43
C GLU A 367 -33.09 -1.70 -11.93
N LEU A 368 -31.98 -1.83 -12.64
CA LEU A 368 -32.04 -1.95 -14.10
C LEU A 368 -32.65 -3.30 -14.52
N PRO A 369 -33.20 -3.37 -15.73
CA PRO A 369 -33.64 -4.66 -16.25
C PRO A 369 -32.51 -5.69 -16.33
N ALA A 370 -32.86 -6.96 -16.20
CA ALA A 370 -31.88 -8.04 -16.24
C ALA A 370 -31.13 -8.04 -17.56
N GLU A 371 -31.78 -7.57 -18.62
CA GLU A 371 -31.19 -7.57 -19.95
C GLU A 371 -30.13 -6.47 -20.07
N VAL A 372 -30.38 -5.36 -19.39
CA VAL A 372 -29.45 -4.23 -19.40
C VAL A 372 -28.24 -4.60 -18.53
N ARG A 373 -28.49 -5.17 -17.36
CA ARG A 373 -27.41 -5.58 -16.47
C ARG A 373 -26.51 -6.60 -17.17
N GLU A 374 -27.12 -7.45 -17.98
CA GLU A 374 -26.40 -8.47 -18.72
C GLU A 374 -25.51 -7.86 -19.82
N THR A 375 -26.03 -6.91 -20.59
CA THR A 375 -25.24 -6.33 -21.67
C THR A 375 -24.09 -5.49 -21.10
N LEU A 376 -24.32 -4.84 -19.96
CA LEU A 376 -23.30 -4.00 -19.34
C LEU A 376 -22.20 -4.79 -18.67
N GLY A 377 -22.57 -5.90 -18.04
CA GLY A 377 -21.65 -6.64 -17.20
C GLY A 377 -21.65 -6.10 -15.78
N SER A 378 -20.96 -6.79 -14.88
CA SER A 378 -21.01 -6.46 -13.45
C SER A 378 -20.18 -5.24 -13.11
N LEU A 379 -20.51 -4.61 -11.98
CA LEU A 379 -19.73 -3.48 -11.49
C LEU A 379 -18.55 -3.94 -10.66
N PRO A 380 -17.41 -3.24 -10.76
CA PRO A 380 -17.13 -2.10 -11.63
C PRO A 380 -16.41 -2.50 -12.91
N ASP A 381 -15.79 -3.68 -12.90
CA ASP A 381 -14.77 -4.02 -13.90
C ASP A 381 -15.37 -4.14 -15.29
N ASP A 382 -16.38 -5.01 -15.44
CA ASP A 382 -16.95 -5.24 -16.76
C ASP A 382 -17.72 -4.02 -17.23
N PHE A 383 -18.31 -3.31 -16.27
CA PHE A 383 -19.11 -2.11 -16.57
C PHE A 383 -18.23 -1.07 -17.25
N VAL A 384 -17.08 -0.78 -16.67
CA VAL A 384 -16.30 0.31 -17.22
C VAL A 384 -15.74 -0.12 -18.56
N CYS A 385 -15.36 -1.39 -18.72
CA CYS A 385 -14.88 -1.87 -20.03
C CYS A 385 -15.94 -1.82 -21.13
N TYR A 386 -17.20 -1.90 -20.74
CA TYR A 386 -18.29 -1.78 -21.72
C TYR A 386 -18.10 -0.47 -22.47
N PHE A 387 -17.77 0.58 -21.72
CA PHE A 387 -17.63 1.90 -22.32
C PHE A 387 -16.23 2.18 -22.88
N THR A 388 -15.17 1.83 -22.16
CA THR A 388 -13.83 2.14 -22.68
C THR A 388 -13.51 1.31 -23.92
N SER A 389 -14.05 0.10 -24.02
CA SER A 389 -13.82 -0.70 -25.20
C SER A 389 -14.55 -0.12 -26.40
N ARG A 390 -15.66 0.57 -26.18
CA ARG A 390 -16.43 1.10 -27.30
C ARG A 390 -16.01 2.53 -27.65
N PHE A 391 -15.45 3.25 -26.68
CA PHE A 391 -14.98 4.62 -26.90
C PHE A 391 -13.54 4.70 -26.41
N PRO A 392 -12.59 4.29 -27.25
CA PRO A 392 -11.20 4.13 -26.79
C PRO A 392 -10.55 5.44 -26.37
N HIS A 393 -11.11 6.58 -26.80
CA HIS A 393 -10.51 7.86 -26.45
C HIS A 393 -11.14 8.52 -25.23
N LEU A 394 -12.18 7.92 -24.66
CA LEU A 394 -12.97 8.58 -23.63
C LEU A 394 -12.13 8.94 -22.39
N LEU A 395 -11.37 7.99 -21.86
CA LEU A 395 -10.67 8.25 -20.59
C LEU A 395 -9.56 9.27 -20.85
N ALA A 396 -8.76 9.03 -21.87
CA ALA A 396 -7.63 9.92 -22.17
C ALA A 396 -8.16 11.33 -22.45
N HIS A 397 -9.23 11.42 -23.24
CA HIS A 397 -9.82 12.70 -23.57
C HIS A 397 -10.31 13.40 -22.30
N THR A 398 -11.00 12.67 -21.45
CA THR A 398 -11.62 13.26 -20.28
C THR A 398 -10.55 13.64 -19.24
N TYR A 399 -9.51 12.81 -19.13
CA TYR A 399 -8.41 13.08 -18.19
C TYR A 399 -7.74 14.41 -18.52
N ARG A 400 -7.45 14.63 -19.81
CA ARG A 400 -6.81 15.85 -20.26
C ARG A 400 -7.74 17.02 -20.01
N ALA A 401 -9.00 16.89 -20.42
CA ALA A 401 -9.93 18.00 -20.27
C ALA A 401 -10.10 18.43 -18.81
N MET A 402 -10.13 17.48 -17.87
CA MET A 402 -10.44 17.80 -16.48
C MET A 402 -9.21 18.27 -15.67
N GLU A 403 -8.09 18.51 -16.33
CA GLU A 403 -6.95 19.11 -15.67
C GLU A 403 -7.32 20.48 -15.12
N LEU A 404 -8.34 21.11 -15.70
CA LEU A 404 -8.84 22.38 -15.18
C LEU A 404 -9.23 22.27 -13.72
N CYS A 405 -9.56 21.07 -13.25
CA CYS A 405 -10.02 20.85 -11.88
C CYS A 405 -8.98 20.14 -11.01
N SER A 406 -7.75 20.01 -11.50
CA SER A 406 -6.75 19.16 -10.87
C SER A 406 -6.31 19.62 -9.49
N HIS A 407 -6.55 20.89 -9.20
CA HIS A 407 -6.23 21.47 -7.90
C HIS A 407 -7.33 21.22 -6.86
N GLU A 408 -8.48 20.70 -7.29
CA GLU A 408 -9.63 20.54 -6.39
C GLU A 408 -9.41 19.26 -5.58
N ARG A 409 -9.85 19.29 -4.32
CA ARG A 409 -9.62 18.18 -3.40
C ARG A 409 -10.13 16.87 -3.99
N LEU A 410 -11.33 16.95 -4.57
CA LEU A 410 -11.99 15.79 -5.17
C LEU A 410 -11.12 15.06 -6.16
N PHE A 411 -10.33 15.80 -6.95
CA PHE A 411 -9.57 15.18 -8.03
C PHE A 411 -8.12 14.91 -7.60
N GLN A 412 -7.80 15.21 -6.34
CA GLN A 412 -6.49 14.91 -5.78
C GLN A 412 -5.94 13.53 -6.14
N PRO A 413 -6.79 12.48 -6.05
CA PRO A 413 -6.29 11.13 -6.33
C PRO A 413 -5.83 10.91 -7.77
N TYR A 414 -6.22 11.79 -8.67
CA TYR A 414 -6.11 11.50 -10.09
C TYR A 414 -4.96 12.21 -10.76
N TYR A 415 -4.62 13.36 -10.20
CA TYR A 415 -3.60 14.24 -10.77
C TYR A 415 -2.49 14.45 -9.74
N PHE A 416 -1.33 14.84 -10.23
CA PHE A 416 -0.16 15.05 -9.39
C PHE A 416 0.01 16.54 -9.12
N HIS A 417 0.10 16.91 -7.85
CA HIS A 417 0.28 18.31 -7.46
C HIS A 417 1.68 18.54 -6.91
N VAL B 17 36.33 -2.05 21.92
CA VAL B 17 35.38 -2.62 20.96
C VAL B 17 35.69 -4.09 20.68
N VAL B 18 34.64 -4.90 20.73
CA VAL B 18 34.73 -6.32 20.40
C VAL B 18 34.44 -6.52 18.93
N ILE B 19 35.19 -7.42 18.30
CA ILE B 19 35.01 -7.79 16.91
C ILE B 19 34.79 -9.29 16.79
N VAL B 20 33.77 -9.69 16.05
CA VAL B 20 33.53 -11.09 15.77
C VAL B 20 33.07 -11.24 14.33
N GLY B 21 34.03 -11.40 13.43
CA GLY B 21 33.73 -11.50 12.02
C GLY B 21 33.22 -10.19 11.47
N LYS B 22 32.02 -10.24 10.93
CA LYS B 22 31.42 -9.07 10.30
C LYS B 22 30.75 -8.16 11.34
N ILE B 23 30.49 -8.71 12.52
CA ILE B 23 29.79 -8.01 13.60
C ILE B 23 30.74 -7.43 14.63
N SER B 24 30.62 -6.13 14.91
CA SER B 24 31.42 -5.49 15.98
C SER B 24 30.55 -4.74 16.98
N PHE B 25 31.02 -4.58 18.21
CA PHE B 25 30.31 -3.76 19.19
C PHE B 25 31.21 -3.35 20.35
N CYS B 26 30.86 -2.24 20.99
CA CYS B 26 31.57 -1.81 22.20
C CYS B 26 30.79 -2.32 23.40
N PRO B 27 31.41 -3.18 24.22
CA PRO B 27 30.69 -3.81 25.34
C PRO B 27 30.07 -2.81 26.31
N LYS B 28 30.52 -1.56 26.27
CA LYS B 28 29.93 -0.52 27.11
C LYS B 28 28.48 -0.25 26.73
N ASP B 29 28.19 -0.29 25.42
CA ASP B 29 26.89 0.10 24.90
C ASP B 29 25.82 -0.98 25.05
N VAL B 30 25.30 -1.15 26.26
CA VAL B 30 24.34 -2.21 26.53
C VAL B 30 22.91 -1.70 26.37
N LEU B 31 22.09 -2.45 25.63
CA LEU B 31 20.72 -2.03 25.37
C LEU B 31 19.74 -2.77 26.27
N GLY B 32 20.13 -3.94 26.75
CA GLY B 32 19.24 -4.74 27.57
C GLY B 32 19.75 -6.14 27.83
N HIS B 33 18.93 -6.91 28.54
CA HIS B 33 19.26 -8.29 28.90
C HIS B 33 18.15 -9.23 28.42
N GLY B 34 18.04 -10.39 29.08
CA GLY B 34 17.03 -11.37 28.76
C GLY B 34 17.24 -12.65 29.54
N ALA B 35 16.38 -13.63 29.26
CA ALA B 35 16.45 -14.94 29.91
C ALA B 35 17.79 -15.61 29.62
N GLU B 36 18.11 -16.66 30.37
CA GLU B 36 19.31 -17.44 30.13
C GLU B 36 20.58 -16.60 30.15
N GLY B 37 20.48 -15.36 30.64
CA GLY B 37 21.61 -14.46 30.70
C GLY B 37 22.11 -13.97 29.34
N THR B 38 21.19 -13.67 28.43
CA THR B 38 21.56 -13.06 27.16
C THR B 38 21.73 -11.55 27.35
N ILE B 39 22.60 -10.95 26.52
CA ILE B 39 22.79 -9.51 26.52
C ILE B 39 22.66 -8.95 25.11
N VAL B 40 22.16 -7.72 25.01
CA VAL B 40 21.94 -7.06 23.73
C VAL B 40 22.71 -5.74 23.73
N TYR B 41 23.67 -5.63 22.82
CA TYR B 41 24.50 -4.44 22.66
C TYR B 41 24.12 -3.62 21.45
N ARG B 42 24.53 -2.36 21.46
CA ARG B 42 24.57 -1.56 20.26
C ARG B 42 25.86 -1.86 19.54
N GLY B 43 25.78 -2.14 18.24
CA GLY B 43 26.96 -2.49 17.48
C GLY B 43 26.89 -2.10 16.01
N MET B 44 27.71 -2.77 15.22
CA MET B 44 27.80 -2.51 13.79
C MET B 44 27.87 -3.82 13.03
N PHE B 45 27.34 -3.79 11.81
CA PHE B 45 27.47 -4.89 10.87
C PHE B 45 27.55 -4.32 9.48
N ASP B 46 28.67 -4.55 8.78
CA ASP B 46 28.83 -4.07 7.41
C ASP B 46 28.52 -2.57 7.31
N ASN B 47 28.97 -1.81 8.30
CA ASN B 47 28.74 -0.36 8.37
C ASN B 47 27.28 0.03 8.53
N ARG B 48 26.47 -0.91 9.01
CA ARG B 48 25.11 -0.61 9.42
C ARG B 48 25.05 -0.58 10.94
N ASP B 49 24.23 0.31 11.49
CA ASP B 49 23.93 0.25 12.91
C ASP B 49 23.04 -0.95 13.18
N VAL B 50 23.35 -1.73 14.21
CA VAL B 50 22.57 -2.91 14.55
C VAL B 50 22.47 -3.09 16.05
N ALA B 51 21.47 -3.84 16.50
CA ALA B 51 21.47 -4.35 17.86
C ALA B 51 22.01 -5.76 17.77
N VAL B 52 22.90 -6.10 18.69
CA VAL B 52 23.62 -7.37 18.64
C VAL B 52 23.29 -8.17 19.88
N LYS B 53 22.56 -9.27 19.71
CA LYS B 53 22.20 -10.12 20.84
C LYS B 53 23.30 -11.16 21.00
N ARG B 54 23.81 -11.32 22.22
CA ARG B 54 24.82 -12.34 22.53
C ARG B 54 24.20 -13.51 23.27
N ILE B 55 24.38 -14.72 22.74
CA ILE B 55 23.76 -15.93 23.28
C ILE B 55 24.83 -16.88 23.79
N LEU B 56 24.51 -17.63 24.84
CA LEU B 56 25.46 -18.55 25.44
C LEU B 56 25.37 -19.94 24.83
N PRO B 57 26.45 -20.73 24.97
CA PRO B 57 26.51 -22.07 24.38
C PRO B 57 25.33 -22.93 24.80
N GLU B 58 24.81 -22.67 25.99
CA GLU B 58 23.67 -23.40 26.53
C GLU B 58 22.35 -22.94 25.91
N CYS B 59 22.40 -22.24 24.79
CA CYS B 59 21.19 -21.76 24.11
C CYS B 59 21.31 -21.83 22.59
N PHE B 60 22.52 -22.08 22.09
CA PHE B 60 22.79 -22.09 20.65
C PHE B 60 21.73 -22.81 19.82
N SER B 61 21.09 -23.83 20.39
CA SER B 61 20.10 -24.61 19.66
C SER B 61 18.84 -23.79 19.41
N PHE B 62 18.50 -22.94 20.38
CA PHE B 62 17.32 -22.10 20.28
C PHE B 62 17.60 -20.90 19.40
N ALA B 63 18.85 -20.45 19.41
CA ALA B 63 19.26 -19.33 18.57
C ALA B 63 19.21 -19.72 17.09
N ASP B 64 19.68 -20.91 16.76
CA ASP B 64 19.65 -21.34 15.37
C ASP B 64 18.21 -21.43 14.87
N ARG B 65 17.28 -21.69 15.78
CA ARG B 65 15.86 -21.71 15.43
C ARG B 65 15.35 -20.28 15.31
N GLU B 66 15.85 -19.42 16.21
CA GLU B 66 15.52 -17.99 16.18
C GLU B 66 15.90 -17.46 14.80
N VAL B 67 17.20 -17.54 14.48
CA VAL B 67 17.75 -17.07 13.21
C VAL B 67 16.98 -17.59 12.00
N GLN B 68 16.68 -18.88 12.00
CA GLN B 68 15.90 -19.47 10.91
C GLN B 68 14.57 -18.78 10.72
N LEU B 69 13.86 -18.53 11.81
CA LEU B 69 12.58 -17.81 11.72
C LEU B 69 12.79 -16.40 11.15
N LEU B 70 13.82 -15.72 11.64
CA LEU B 70 14.14 -14.39 11.13
C LEU B 70 14.39 -14.40 9.61
N ARG B 71 15.12 -15.42 9.13
CA ARG B 71 15.40 -15.52 7.69
C ARG B 71 14.16 -15.62 6.81
N GLU B 72 13.14 -16.34 7.28
CA GLU B 72 11.95 -16.59 6.49
C GLU B 72 10.89 -15.50 6.65
N SER B 73 10.98 -14.77 7.76
CA SER B 73 9.97 -13.80 8.09
C SER B 73 10.30 -12.33 7.79
N ASP B 74 11.57 -11.93 7.72
CA ASP B 74 11.85 -10.49 7.74
C ASP B 74 11.76 -9.75 6.39
N GLU B 75 10.99 -10.36 5.47
N GLU B 75 11.01 -10.25 5.41
CA GLU B 75 10.55 -9.76 4.20
CA GLU B 75 10.81 -9.44 4.21
C GLU B 75 9.10 -9.23 4.32
C GLU B 75 9.79 -8.33 4.44
N HIS B 76 8.89 -8.51 5.40
CA HIS B 76 7.72 -7.64 5.58
C HIS B 76 8.18 -6.39 6.31
N PRO B 77 7.65 -5.21 5.95
CA PRO B 77 8.21 -4.00 6.60
C PRO B 77 7.97 -3.94 8.10
N ASN B 78 6.96 -4.64 8.61
CA ASN B 78 6.61 -4.57 10.03
C ASN B 78 7.03 -5.82 10.79
N VAL B 79 8.02 -6.52 10.23
CA VAL B 79 8.77 -7.54 10.93
C VAL B 79 10.23 -7.10 10.98
N ILE B 80 10.86 -7.19 12.13
CA ILE B 80 12.25 -6.74 12.32
C ILE B 80 13.21 -7.28 11.25
N ARG B 81 14.03 -6.40 10.67
CA ARG B 81 15.06 -6.83 9.72
C ARG B 81 16.21 -7.51 10.42
N TYR B 82 16.56 -8.69 9.94
CA TYR B 82 17.65 -9.49 10.50
C TYR B 82 18.84 -9.50 9.53
N PHE B 83 20.05 -9.29 10.04
CA PHE B 83 21.21 -9.07 9.17
C PHE B 83 22.22 -10.21 9.14
N CYS B 84 22.61 -10.72 10.29
CA CYS B 84 23.72 -11.66 10.30
C CYS B 84 23.88 -12.33 11.65
N THR B 85 24.52 -13.48 11.67
CA THR B 85 24.87 -14.13 12.91
C THR B 85 26.30 -14.64 12.80
N GLU B 86 27.05 -14.48 13.89
CA GLU B 86 28.45 -14.90 13.96
C GLU B 86 28.64 -15.72 15.22
N LYS B 87 29.70 -16.51 15.24
CA LYS B 87 29.96 -17.43 16.34
C LYS B 87 31.45 -17.52 16.59
N ASP B 88 31.88 -17.38 17.84
CA ASP B 88 33.28 -17.59 18.21
C ASP B 88 33.40 -18.80 19.12
N ARG B 89 34.54 -18.93 19.79
CA ARG B 89 34.75 -20.00 20.74
C ARG B 89 33.66 -20.00 21.80
N GLN B 90 33.34 -18.83 22.34
CA GLN B 90 32.51 -18.73 23.52
C GLN B 90 31.02 -18.48 23.25
N PHE B 91 30.69 -17.67 22.24
CA PHE B 91 29.31 -17.16 22.07
C PHE B 91 28.73 -17.20 20.66
N GLN B 92 27.43 -16.88 20.60
CA GLN B 92 26.76 -16.64 19.33
C GLN B 92 26.17 -15.25 19.35
N TYR B 93 26.20 -14.60 18.19
CA TYR B 93 25.76 -13.23 18.07
C TYR B 93 24.72 -13.12 16.99
N ILE B 94 23.67 -12.34 17.24
CA ILE B 94 22.62 -12.10 16.27
C ILE B 94 22.44 -10.61 16.10
N ALA B 95 22.53 -10.15 14.85
CA ALA B 95 22.42 -8.73 14.56
C ALA B 95 21.13 -8.45 13.84
N ILE B 96 20.35 -7.55 14.42
CA ILE B 96 19.13 -7.07 13.78
C ILE B 96 19.21 -5.56 13.65
N GLU B 97 18.25 -5.00 12.94
CA GLU B 97 18.12 -3.56 12.80
C GLU B 97 18.10 -2.88 14.13
N LEU B 98 18.85 -1.78 14.25
CA LEU B 98 18.86 -0.95 15.47
C LEU B 98 17.67 -0.03 15.45
N CYS B 99 16.93 0.00 16.55
CA CYS B 99 15.67 0.73 16.62
C CYS B 99 15.72 1.82 17.68
N ALA B 100 14.72 2.70 17.65
CA ALA B 100 14.67 3.86 18.55
C ALA B 100 14.15 3.53 19.91
N ALA B 101 13.19 2.61 19.98
CA ALA B 101 12.53 2.27 21.24
C ALA B 101 11.73 0.99 21.10
N THR B 102 11.40 0.35 22.23
CA THR B 102 10.33 -0.66 22.26
C THR B 102 9.03 0.11 22.47
N LEU B 103 7.91 -0.52 22.16
CA LEU B 103 6.63 0.12 22.37
C LEU B 103 6.38 0.38 23.85
N GLN B 104 6.97 -0.45 24.72
CA GLN B 104 6.85 -0.21 26.17
C GLN B 104 7.49 1.14 26.49
N GLU B 105 8.68 1.39 25.95
CA GLU B 105 9.36 2.65 26.18
C GLU B 105 8.53 3.79 25.59
N TYR B 106 8.08 3.61 24.36
CA TYR B 106 7.30 4.63 23.65
C TYR B 106 6.05 5.05 24.43
N VAL B 107 5.38 4.08 25.02
CA VAL B 107 4.13 4.35 25.71
C VAL B 107 4.38 4.97 27.07
N GLU B 108 5.47 4.57 27.71
CA GLU B 108 5.69 4.89 29.12
C GLU B 108 6.63 6.09 29.34
N GLN B 109 7.30 6.51 28.28
CA GLN B 109 8.24 7.65 28.38
C GLN B 109 8.11 8.63 27.20
N PHE B 112 8.39 10.73 24.41
CA PHE B 112 8.40 10.44 22.98
C PHE B 112 7.24 11.13 22.27
N ALA B 113 6.25 11.58 23.04
CA ALA B 113 4.98 12.02 22.47
C ALA B 113 5.13 13.07 21.37
N HIS B 114 6.24 13.80 21.39
CA HIS B 114 6.49 14.85 20.40
C HIS B 114 6.92 14.24 19.06
N LEU B 115 7.19 12.94 19.05
CA LEU B 115 7.41 12.21 17.80
C LEU B 115 6.16 12.28 16.92
N GLY B 116 5.04 12.61 17.55
CA GLY B 116 3.79 12.87 16.83
C GLY B 116 3.25 11.67 16.09
N LEU B 117 3.64 10.46 16.51
CA LEU B 117 3.22 9.25 15.81
C LEU B 117 1.76 9.01 16.06
N GLU B 118 1.07 8.41 15.10
CA GLU B 118 -0.32 8.14 15.30
C GLU B 118 -0.41 6.76 15.95
N PRO B 119 -1.07 6.67 17.10
CA PRO B 119 -1.22 5.35 17.72
C PRO B 119 -1.92 4.32 16.83
N ILE B 120 -2.92 4.76 16.08
CA ILE B 120 -3.71 3.81 15.29
C ILE B 120 -2.85 3.25 14.20
N THR B 121 -2.01 4.10 13.65
CA THR B 121 -1.08 3.68 12.62
C THR B 121 -0.06 2.68 13.17
N LEU B 122 0.48 2.94 14.37
CA LEU B 122 1.40 1.96 14.98
C LEU B 122 0.73 0.61 15.14
N LEU B 123 -0.55 0.64 15.54
CA LEU B 123 -1.28 -0.60 15.80
C LEU B 123 -1.56 -1.28 14.48
N GLN B 124 -1.84 -0.49 13.43
CA GLN B 124 -2.10 -1.03 12.11
C GLN B 124 -0.89 -1.76 11.57
N GLN B 125 0.27 -1.12 11.71
CA GLN B 125 1.55 -1.74 11.35
C GLN B 125 1.87 -2.99 12.15
N THR B 126 1.69 -2.94 13.47
CA THR B 126 1.86 -4.12 14.33
C THR B 126 1.00 -5.27 13.82
N THR B 127 -0.25 -4.98 13.49
CA THR B 127 -1.17 -6.03 13.08
C THR B 127 -0.84 -6.57 11.68
N SER B 128 -0.39 -5.70 10.77
CA SER B 128 0.08 -6.15 9.44
C SER B 128 1.26 -7.10 9.60
N GLY B 129 2.18 -6.78 10.50
CA GLY B 129 3.28 -7.69 10.78
C GLY B 129 2.85 -9.04 11.29
N LEU B 130 1.90 -9.01 12.22
CA LEU B 130 1.34 -10.25 12.78
C LEU B 130 0.64 -11.07 11.70
N ALA B 131 -0.16 -10.40 10.87
CA ALA B 131 -0.88 -11.08 9.79
C ALA B 131 0.10 -11.75 8.84
N HIS B 132 1.23 -11.08 8.56
CA HIS B 132 2.32 -11.69 7.80
C HIS B 132 2.79 -12.99 8.42
N LEU B 133 3.07 -12.96 9.71
CA LEU B 133 3.55 -14.15 10.37
C LEU B 133 2.50 -15.26 10.31
N HIS B 134 1.24 -14.90 10.52
CA HIS B 134 0.15 -15.89 10.49
C HIS B 134 -0.03 -16.46 9.09
N SER B 135 0.27 -15.66 8.07
CA SER B 135 0.10 -16.10 6.68
C SER B 135 1.17 -17.11 6.36
N LEU B 136 2.22 -17.15 7.17
CA LEU B 136 3.31 -18.13 7.04
C LEU B 136 3.18 -19.26 8.04
N ASN B 137 2.00 -19.38 8.66
CA ASN B 137 1.77 -20.37 9.70
C ASN B 137 2.70 -20.23 10.89
N ILE B 138 3.07 -19.00 11.22
CA ILE B 138 3.89 -18.74 12.39
C ILE B 138 2.99 -18.10 13.44
N VAL B 139 3.01 -18.64 14.65
CA VAL B 139 2.32 -18.06 15.79
C VAL B 139 3.38 -17.41 16.67
N HIS B 140 3.13 -16.18 17.09
CA HIS B 140 4.14 -15.43 17.83
C HIS B 140 4.29 -15.99 19.21
N ARG B 141 3.15 -16.11 19.90
CA ARG B 141 3.05 -16.73 21.23
C ARG B 141 3.44 -15.82 22.38
N ASP B 142 4.10 -14.70 22.10
CA ASP B 142 4.60 -13.83 23.19
C ASP B 142 4.57 -12.35 22.83
N LEU B 143 3.54 -11.93 22.12
CA LEU B 143 3.41 -10.55 21.69
C LEU B 143 3.14 -9.68 22.92
N LYS B 144 3.90 -8.59 23.05
CA LYS B 144 3.77 -7.66 24.16
C LYS B 144 4.53 -6.39 23.77
N PRO B 145 4.27 -5.28 24.47
CA PRO B 145 4.91 -4.02 24.08
C PRO B 145 6.45 -4.08 24.10
N HIS B 146 7.05 -4.88 24.96
CA HIS B 146 8.50 -4.98 25.01
C HIS B 146 9.14 -5.53 23.74
N ASN B 147 8.44 -6.33 22.94
CA ASN B 147 9.08 -6.83 21.70
C ASN B 147 8.47 -6.27 20.42
N ILE B 148 7.66 -5.23 20.55
CA ILE B 148 7.28 -4.43 19.39
C ILE B 148 8.27 -3.30 19.34
N LEU B 149 9.05 -3.26 18.27
CA LEU B 149 10.10 -2.28 18.16
C LEU B 149 9.67 -1.11 17.30
N ILE B 150 10.16 0.07 17.65
CA ILE B 150 9.86 1.29 16.93
C ILE B 150 11.12 1.71 16.17
N SER B 151 11.01 1.86 14.86
CA SER B 151 12.20 2.10 14.07
C SER B 151 12.81 3.47 14.29
N MET B 152 14.10 3.63 13.97
CA MET B 152 14.64 4.97 13.80
C MET B 152 13.96 5.64 12.61
N PRO B 153 13.82 6.97 12.64
CA PRO B 153 13.29 7.75 11.51
C PRO B 153 14.05 7.51 10.21
N ASN B 154 13.40 7.26 9.08
CA ASN B 154 14.14 7.07 7.84
C ASN B 154 14.43 8.44 7.25
N ALA B 155 14.93 8.48 6.02
CA ALA B 155 15.36 9.74 5.42
C ALA B 155 14.17 10.69 5.28
N HIS B 156 12.97 10.15 5.20
CA HIS B 156 11.79 11.00 5.13
C HIS B 156 11.05 11.15 6.44
N GLY B 157 11.75 10.88 7.53
CA GLY B 157 11.19 11.07 8.86
C GLY B 157 10.19 10.03 9.35
N LYS B 158 10.00 8.98 8.58
CA LYS B 158 8.97 7.97 8.92
C LYS B 158 9.49 6.98 9.94
N ILE B 159 8.63 6.67 10.90
CA ILE B 159 8.89 5.76 11.99
C ILE B 159 7.85 4.64 11.88
N LYS B 160 8.24 3.39 12.04
CA LYS B 160 7.31 2.27 11.92
C LYS B 160 7.48 1.28 13.05
N ALA B 161 6.42 0.49 13.29
CA ALA B 161 6.44 -0.60 14.28
C ALA B 161 6.86 -1.88 13.61
N MET B 162 7.66 -2.68 14.29
CA MET B 162 8.09 -3.98 13.76
C MET B 162 8.00 -5.02 14.85
N ILE B 163 7.49 -6.19 14.54
CA ILE B 163 7.42 -7.23 15.56
C ILE B 163 8.73 -8.00 15.57
N SER B 164 9.07 -8.50 16.75
CA SER B 164 10.25 -9.31 16.99
C SER B 164 9.92 -10.37 18.05
N ASP B 165 10.89 -11.22 18.34
CA ASP B 165 10.81 -12.18 19.44
C ASP B 165 9.71 -13.21 19.19
N PHE B 166 9.40 -13.47 17.92
CA PHE B 166 8.33 -14.42 17.59
C PHE B 166 8.79 -15.87 17.48
N GLY B 167 7.86 -16.78 17.70
CA GLY B 167 8.07 -18.22 17.56
C GLY B 167 9.06 -18.87 18.50
N LEU B 168 9.42 -18.19 19.59
CA LEU B 168 10.43 -18.69 20.52
C LEU B 168 9.82 -19.25 21.81
N THR B 188 7.48 -11.41 35.26
CA THR B 188 6.05 -11.71 35.21
C THR B 188 5.54 -11.65 33.78
N GLU B 189 4.24 -11.89 33.61
CA GLU B 189 3.62 -12.02 32.29
C GLU B 189 2.50 -10.97 32.10
N GLY B 190 1.25 -11.41 31.92
CA GLY B 190 0.16 -10.46 31.77
C GLY B 190 -0.39 -10.29 30.37
N TRP B 191 0.20 -10.97 29.39
CA TRP B 191 -0.20 -10.81 28.01
C TRP B 191 -0.56 -12.14 27.39
N ILE B 192 -0.68 -13.17 28.21
CA ILE B 192 -0.93 -14.50 27.69
C ILE B 192 -2.40 -14.86 27.69
N ALA B 193 -2.87 -15.35 26.55
CA ALA B 193 -4.24 -15.78 26.41
C ALA B 193 -4.56 -16.90 27.42
N PRO B 194 -5.79 -16.89 27.97
CA PRO B 194 -6.13 -17.77 29.07
C PRO B 194 -6.05 -19.25 28.69
N GLU B 195 -6.38 -19.60 27.45
CA GLU B 195 -6.36 -21.00 27.06
C GLU B 195 -4.94 -21.54 26.97
N MET B 196 -3.94 -20.67 26.99
CA MET B 196 -2.56 -21.10 26.90
C MET B 196 -1.96 -21.51 28.25
N LEU B 197 -2.71 -21.25 29.33
CA LEU B 197 -2.30 -21.66 30.67
C LEU B 197 -3.33 -22.60 31.30
N SER B 198 -4.25 -23.12 30.48
CA SER B 198 -5.34 -23.97 30.97
C SER B 198 -5.03 -25.44 30.76
N GLU B 203 -1.20 -27.92 23.40
CA GLU B 203 0.08 -28.40 22.89
C GLU B 203 0.71 -27.37 21.96
N ASN B 204 0.18 -27.28 20.75
CA ASN B 204 0.65 -26.33 19.74
C ASN B 204 -0.39 -25.22 19.50
N PRO B 205 -0.17 -24.03 20.10
CA PRO B 205 -1.10 -22.89 20.01
C PRO B 205 -1.53 -22.48 18.62
N THR B 206 -2.77 -22.02 18.46
CA THR B 206 -3.16 -21.44 17.19
C THR B 206 -3.11 -19.90 17.26
N TYR B 207 -3.38 -19.31 16.12
CA TYR B 207 -3.14 -17.92 15.87
CA TYR B 207 -3.14 -17.90 15.89
C TYR B 207 -3.96 -17.02 16.80
N THR B 208 -5.09 -17.53 17.31
CA THR B 208 -5.98 -16.71 18.14
C THR B 208 -5.34 -16.29 19.46
N VAL B 209 -4.32 -17.01 19.93
CA VAL B 209 -3.65 -16.53 21.13
C VAL B 209 -2.94 -15.19 20.86
N ASP B 210 -2.46 -14.96 19.65
CA ASP B 210 -1.83 -13.68 19.35
C ASP B 210 -2.86 -12.55 19.24
N ILE B 211 -4.08 -12.88 18.84
CA ILE B 211 -5.09 -11.83 18.72
C ILE B 211 -5.48 -11.30 20.11
N PHE B 212 -5.53 -12.20 21.09
CA PHE B 212 -5.76 -11.81 22.47
C PHE B 212 -4.66 -10.86 22.95
N SER B 213 -3.39 -11.28 22.81
CA SER B 213 -2.27 -10.42 23.13
C SER B 213 -2.37 -9.07 22.42
N ALA B 214 -2.64 -9.09 21.12
CA ALA B 214 -2.78 -7.84 20.36
C ALA B 214 -3.90 -6.95 20.88
N GLY B 215 -5.02 -7.55 21.29
CA GLY B 215 -6.15 -6.78 21.81
C GLY B 215 -5.76 -6.01 23.05
N CYS B 216 -5.01 -6.67 23.92
CA CYS B 216 -4.45 -6.01 25.09
C CYS B 216 -3.50 -4.87 24.71
N VAL B 217 -2.61 -5.11 23.73
CA VAL B 217 -1.67 -4.08 23.25
C VAL B 217 -2.43 -2.90 22.66
N PHE B 218 -3.53 -3.15 21.94
CA PHE B 218 -4.30 -2.04 21.36
C PHE B 218 -4.76 -1.11 22.45
N TYR B 219 -5.35 -1.70 23.49
CA TYR B 219 -5.89 -0.94 24.59
C TYR B 219 -4.80 -0.20 25.35
N TYR B 220 -3.66 -0.86 25.50
CA TYR B 220 -2.50 -0.27 26.15
C TYR B 220 -2.03 0.98 25.42
N VAL B 221 -1.91 0.91 24.09
CA VAL B 221 -1.46 2.06 23.31
C VAL B 221 -2.50 3.21 23.37
N ILE B 222 -3.78 2.92 23.11
CA ILE B 222 -4.72 4.03 22.97
C ILE B 222 -5.06 4.61 24.32
N SER B 223 -4.92 3.80 25.36
CA SER B 223 -5.11 4.29 26.74
C SER B 223 -3.83 4.88 27.34
N GLU B 224 -2.73 4.81 26.61
CA GLU B 224 -1.46 5.37 27.08
C GLU B 224 -1.04 4.71 28.41
N GLY B 225 -1.15 3.39 28.47
CA GLY B 225 -0.51 2.63 29.54
C GLY B 225 -1.35 1.70 30.39
N SER B 226 -2.67 1.76 30.26
CA SER B 226 -3.50 0.81 30.98
C SER B 226 -3.57 -0.54 30.26
N HIS B 227 -4.24 -1.51 30.87
CA HIS B 227 -4.33 -2.88 30.34
C HIS B 227 -5.73 -3.36 30.67
N PRO B 228 -6.38 -4.10 29.76
CA PRO B 228 -7.74 -4.50 30.07
C PRO B 228 -7.90 -5.35 31.32
N PHE B 229 -6.83 -6.05 31.73
CA PHE B 229 -6.88 -6.95 32.88
C PHE B 229 -6.11 -6.37 34.09
N GLY B 230 -5.81 -5.08 34.05
CA GLY B 230 -5.36 -4.37 35.23
C GLY B 230 -3.88 -4.09 35.28
N LYS B 231 -3.41 -3.93 36.50
CA LYS B 231 -2.03 -3.57 36.77
C LYS B 231 -1.10 -4.73 36.53
N SER B 232 0.18 -4.42 36.30
CA SER B 232 1.17 -5.41 35.94
C SER B 232 1.11 -6.75 36.70
N LEU B 233 1.07 -6.74 38.03
CA LEU B 233 1.21 -7.99 38.77
C LEU B 233 -0.10 -8.76 38.91
N GLN B 234 -1.15 -8.15 38.39
CA GLN B 234 -2.51 -8.59 38.59
C GLN B 234 -3.11 -9.17 37.32
N ARG B 235 -2.56 -8.75 36.19
CA ARG B 235 -3.11 -9.05 34.86
C ARG B 235 -3.33 -10.51 34.61
N GLN B 236 -2.32 -11.33 34.86
CA GLN B 236 -2.46 -12.72 34.42
C GLN B 236 -3.46 -13.50 35.29
N ALA B 237 -3.56 -13.19 36.59
CA ALA B 237 -4.60 -13.80 37.38
C ALA B 237 -5.98 -13.31 36.90
N ASN B 238 -6.11 -12.03 36.61
CA ASN B 238 -7.39 -11.51 36.10
C ASN B 238 -7.76 -12.12 34.73
N ILE B 239 -6.78 -12.34 33.89
CA ILE B 239 -7.04 -13.06 32.62
C ILE B 239 -7.65 -14.44 32.88
N LEU B 240 -7.02 -15.20 33.76
CA LEU B 240 -7.54 -16.52 34.08
C LEU B 240 -8.97 -16.42 34.58
N LEU B 241 -9.25 -15.36 35.34
CA LEU B 241 -10.55 -15.20 35.94
C LEU B 241 -11.55 -14.52 35.02
N GLY B 242 -11.07 -14.09 33.86
CA GLY B 242 -11.89 -13.36 32.89
C GLY B 242 -12.30 -11.99 33.37
N ALA B 243 -11.48 -11.35 34.21
CA ALA B 243 -11.83 -10.08 34.83
C ALA B 243 -11.19 -8.89 34.11
N CYS B 244 -11.88 -8.31 33.14
CA CYS B 244 -11.31 -7.15 32.44
C CYS B 244 -12.23 -5.96 32.48
N SER B 245 -11.68 -4.79 32.19
CA SER B 245 -12.50 -3.63 31.93
C SER B 245 -11.78 -2.69 30.97
N LEU B 246 -12.57 -1.98 30.18
CA LEU B 246 -12.05 -1.02 29.22
C LEU B 246 -12.53 0.38 29.58
N ASP B 247 -12.27 0.77 30.83
CA ASP B 247 -12.86 1.98 31.40
C ASP B 247 -12.35 3.27 30.77
N CYS B 248 -11.19 3.22 30.13
CA CYS B 248 -10.66 4.41 29.48
C CYS B 248 -11.47 4.76 28.23
N LEU B 249 -12.32 3.83 27.79
CA LEU B 249 -13.10 4.04 26.58
C LEU B 249 -14.47 4.53 26.97
N HIS B 250 -14.75 5.80 26.65
CA HIS B 250 -16.00 6.47 27.02
C HIS B 250 -17.13 5.93 26.16
N PRO B 251 -18.34 5.81 26.73
CA PRO B 251 -19.42 5.19 25.97
C PRO B 251 -20.11 6.10 24.97
N GLU B 252 -19.82 7.39 25.01
CA GLU B 252 -20.49 8.36 24.15
C GLU B 252 -19.49 9.13 23.29
N LYS B 253 -18.32 8.55 23.06
CA LYS B 253 -17.34 9.14 22.14
C LYS B 253 -17.07 8.18 20.99
N HIS B 254 -17.30 8.68 19.78
CA HIS B 254 -17.20 7.88 18.55
C HIS B 254 -15.95 6.99 18.45
N GLU B 255 -14.79 7.61 18.62
CA GLU B 255 -13.54 6.90 18.49
C GLU B 255 -13.42 5.76 19.52
N ASP B 256 -13.94 5.98 20.72
CA ASP B 256 -13.87 4.97 21.78
C ASP B 256 -14.90 3.85 21.60
N VAL B 257 -16.09 4.23 21.14
CA VAL B 257 -17.12 3.25 20.82
C VAL B 257 -16.60 2.28 19.78
N ILE B 258 -15.91 2.84 18.79
CA ILE B 258 -15.40 2.05 17.68
C ILE B 258 -14.26 1.17 18.19
N ALA B 259 -13.38 1.75 19.00
CA ALA B 259 -12.25 0.99 19.52
C ALA B 259 -12.73 -0.13 20.43
N ARG B 260 -13.69 0.16 21.29
CA ARG B 260 -14.25 -0.85 22.18
C ARG B 260 -14.84 -2.02 21.44
N GLU B 261 -15.59 -1.72 20.39
CA GLU B 261 -16.27 -2.78 19.62
C GLU B 261 -15.27 -3.83 19.17
N LEU B 262 -14.13 -3.36 18.68
CA LEU B 262 -13.06 -4.22 18.18
C LEU B 262 -12.32 -4.91 19.32
N ILE B 263 -11.86 -4.12 20.29
CA ILE B 263 -11.01 -4.67 21.34
C ILE B 263 -11.76 -5.75 22.15
N GLU B 264 -13.03 -5.54 22.49
CA GLU B 264 -13.80 -6.54 23.21
C GLU B 264 -13.79 -7.89 22.53
N LYS B 265 -13.79 -7.89 21.20
CA LYS B 265 -13.76 -9.13 20.43
C LYS B 265 -12.36 -9.76 20.40
N MET B 266 -11.34 -8.93 20.29
CA MET B 266 -9.97 -9.45 20.25
C MET B 266 -9.60 -10.15 21.55
N ILE B 267 -10.07 -9.66 22.71
CA ILE B 267 -9.72 -10.25 24.00
C ILE B 267 -10.85 -11.14 24.58
N ALA B 268 -11.72 -11.64 23.72
CA ALA B 268 -12.77 -12.57 24.14
C ALA B 268 -12.15 -13.79 24.79
N MET B 269 -12.74 -14.27 25.88
CA MET B 269 -12.23 -15.45 26.56
C MET B 269 -12.33 -16.67 25.64
N ASP B 270 -13.38 -16.73 24.82
CA ASP B 270 -13.54 -17.83 23.88
C ASP B 270 -12.73 -17.57 22.61
N PRO B 271 -11.67 -18.35 22.38
CA PRO B 271 -10.75 -18.04 21.26
C PRO B 271 -11.46 -18.04 19.89
N GLN B 272 -12.54 -18.79 19.79
CA GLN B 272 -13.26 -18.91 18.52
C GLN B 272 -14.05 -17.64 18.23
N LYS B 273 -14.22 -16.78 19.24
CA LYS B 273 -14.88 -15.49 19.02
C LYS B 273 -13.90 -14.36 18.60
N ARG B 274 -12.60 -14.65 18.51
CA ARG B 274 -11.62 -13.60 18.18
C ARG B 274 -11.40 -13.52 16.68
N PRO B 275 -11.41 -12.31 16.12
CA PRO B 275 -11.17 -12.21 14.67
C PRO B 275 -9.74 -12.47 14.29
N SER B 276 -9.50 -12.95 13.07
CA SER B 276 -8.15 -13.10 12.56
C SER B 276 -7.49 -11.73 12.33
N ALA B 277 -6.18 -11.73 12.15
CA ALA B 277 -5.45 -10.50 11.97
C ALA B 277 -5.94 -9.78 10.74
N LYS B 278 -6.20 -10.50 9.66
CA LYS B 278 -6.70 -9.85 8.44
C LYS B 278 -8.06 -9.24 8.70
N HIS B 279 -8.85 -9.93 9.50
CA HIS B 279 -10.19 -9.48 9.87
C HIS B 279 -10.12 -8.20 10.73
N VAL B 280 -9.21 -8.19 11.69
CA VAL B 280 -8.92 -6.99 12.48
C VAL B 280 -8.59 -5.78 11.60
N LEU B 281 -7.77 -6.01 10.58
CA LEU B 281 -7.30 -4.91 9.75
C LEU B 281 -8.41 -4.22 8.96
N LYS B 282 -9.55 -4.90 8.79
CA LYS B 282 -10.72 -4.32 8.10
C LYS B 282 -11.61 -3.47 8.98
N HIS B 283 -11.40 -3.48 10.28
CA HIS B 283 -12.33 -2.85 11.20
C HIS B 283 -12.27 -1.33 11.03
N PRO B 284 -13.42 -0.65 11.25
CA PRO B 284 -13.53 0.81 11.19
C PRO B 284 -12.56 1.55 12.07
N PHE B 285 -12.08 0.90 13.11
CA PHE B 285 -11.00 1.41 13.94
C PHE B 285 -9.87 2.03 13.08
N PHE B 286 -9.56 1.37 11.97
CA PHE B 286 -8.44 1.74 11.12
C PHE B 286 -8.81 2.66 9.95
N TRP B 287 -10.09 3.00 9.78
CA TRP B 287 -10.51 3.77 8.59
C TRP B 287 -10.16 5.22 8.69
N SER B 288 -9.67 5.78 7.58
CA SER B 288 -9.54 7.22 7.49
C SER B 288 -10.91 7.88 7.60
N LEU B 289 -10.92 9.18 7.88
CA LEU B 289 -12.17 9.92 7.92
C LEU B 289 -12.87 9.89 6.56
N GLU B 290 -12.08 9.93 5.49
CA GLU B 290 -12.64 9.90 4.13
C GLU B 290 -13.31 8.56 3.87
N LYS B 291 -12.68 7.47 4.29
CA LYS B 291 -13.29 6.16 4.16
C LYS B 291 -14.55 6.03 5.03
N GLN B 292 -14.55 6.62 6.20
CA GLN B 292 -15.73 6.58 7.05
C GLN B 292 -16.90 7.24 6.33
N LEU B 293 -16.63 8.35 5.66
CA LEU B 293 -17.68 9.10 4.97
C LEU B 293 -18.09 8.31 3.73
N GLN B 294 -17.15 7.65 3.09
CA GLN B 294 -17.50 6.89 1.89
C GLN B 294 -18.40 5.72 2.27
N PHE B 295 -18.14 5.13 3.43
CA PHE B 295 -19.03 4.07 3.93
C PHE B 295 -20.45 4.56 4.14
N PHE B 296 -20.62 5.68 4.83
CA PHE B 296 -21.94 6.27 5.02
C PHE B 296 -22.64 6.55 3.69
N GLN B 297 -21.90 7.03 2.70
CA GLN B 297 -22.47 7.35 1.39
C GLN B 297 -22.91 6.08 0.67
N ASP B 298 -22.04 5.08 0.66
CA ASP B 298 -22.36 3.80 0.05
C ASP B 298 -23.57 3.15 0.74
N VAL B 299 -23.65 3.26 2.06
CA VAL B 299 -24.79 2.69 2.77
C VAL B 299 -26.08 3.41 2.36
N SER B 300 -26.05 4.73 2.37
CA SER B 300 -27.22 5.51 1.99
C SER B 300 -27.65 5.21 0.55
N ASP B 301 -26.67 5.07 -0.35
CA ASP B 301 -26.96 4.73 -1.74
C ASP B 301 -27.62 3.36 -1.83
N ARG B 302 -27.16 2.44 -0.99
CA ARG B 302 -27.61 1.06 -1.04
C ARG B 302 -29.05 0.93 -0.58
N ILE B 303 -29.44 1.77 0.36
CA ILE B 303 -30.74 1.63 0.98
C ILE B 303 -31.73 2.64 0.42
N GLU B 304 -31.33 3.39 -0.60
CA GLU B 304 -32.18 4.45 -1.12
C GLU B 304 -33.50 3.85 -1.64
N LYS B 305 -33.42 2.69 -2.30
CA LYS B 305 -34.61 2.02 -2.84
C LYS B 305 -35.00 0.79 -2.03
N GLU B 306 -34.56 0.73 -0.78
CA GLU B 306 -34.99 -0.34 0.11
C GLU B 306 -36.32 -0.01 0.74
N SER B 307 -37.22 -0.99 0.78
CA SER B 307 -38.47 -0.87 1.48
C SER B 307 -38.25 -0.95 2.99
N LEU B 308 -39.09 -0.26 3.74
CA LEU B 308 -38.99 -0.29 5.20
C LEU B 308 -39.44 -1.65 5.73
N ASP B 309 -40.01 -2.47 4.85
CA ASP B 309 -40.42 -3.82 5.21
C ASP B 309 -39.26 -4.82 5.16
N GLY B 310 -38.18 -4.46 4.47
CA GLY B 310 -37.05 -5.36 4.31
C GLY B 310 -36.14 -5.45 5.52
N PRO B 311 -35.31 -6.51 5.59
CA PRO B 311 -34.44 -6.73 6.75
C PRO B 311 -33.35 -5.65 6.92
N ILE B 312 -32.84 -5.12 5.82
CA ILE B 312 -31.76 -4.14 5.91
C ILE B 312 -32.26 -2.92 6.68
N VAL B 313 -33.35 -2.32 6.23
CA VAL B 313 -33.83 -1.11 6.89
C VAL B 313 -34.34 -1.43 8.29
N LYS B 314 -35.00 -2.57 8.46
CA LYS B 314 -35.42 -2.95 9.81
C LYS B 314 -34.21 -3.11 10.73
N GLN B 315 -33.14 -3.74 10.23
CA GLN B 315 -31.92 -3.91 11.04
C GLN B 315 -31.32 -2.55 11.38
N LEU B 316 -31.34 -1.64 10.42
CA LEU B 316 -30.77 -0.30 10.61
C LEU B 316 -31.58 0.50 11.61
N GLU B 317 -32.89 0.31 11.63
CA GLU B 317 -33.74 1.08 12.54
C GLU B 317 -33.91 0.43 13.92
N ARG B 318 -33.53 -0.84 14.04
CA ARG B 318 -33.64 -1.52 15.33
C ARG B 318 -32.69 -0.85 16.32
N GLY B 319 -33.24 -0.22 17.36
CA GLY B 319 -32.42 0.47 18.33
C GLY B 319 -31.96 1.83 17.84
N GLY B 320 -32.61 2.33 16.80
CA GLY B 320 -32.24 3.59 16.18
C GLY B 320 -32.56 4.84 16.99
N ARG B 321 -33.58 4.80 17.84
CA ARG B 321 -33.95 5.98 18.63
C ARG B 321 -32.72 6.48 19.37
N ALA B 322 -32.06 5.59 20.09
CA ALA B 322 -30.82 5.91 20.81
C ALA B 322 -29.71 6.45 19.90
N VAL B 323 -29.59 5.93 18.68
CA VAL B 323 -28.51 6.33 17.79
C VAL B 323 -28.67 7.77 17.33
N VAL B 324 -29.92 8.16 17.09
CA VAL B 324 -30.22 9.49 16.57
C VAL B 324 -30.57 10.45 17.71
N LYS B 325 -30.46 9.95 18.94
CA LYS B 325 -30.81 10.74 20.12
C LYS B 325 -32.26 11.25 20.06
N MET B 326 -33.20 10.32 19.91
CA MET B 326 -34.64 10.61 19.91
C MET B 326 -35.07 11.34 18.63
N ASP B 327 -34.40 12.44 18.30
CA ASP B 327 -34.66 13.17 17.06
C ASP B 327 -33.39 13.88 16.60
N TRP B 328 -32.80 13.43 15.49
CA TRP B 328 -31.49 13.97 15.11
C TRP B 328 -31.62 15.41 14.63
N ARG B 329 -32.79 15.76 14.13
CA ARG B 329 -33.02 17.12 13.65
C ARG B 329 -32.82 18.13 14.79
N GLU B 330 -32.97 17.66 16.02
CA GLU B 330 -32.82 18.52 17.19
C GLU B 330 -31.39 18.49 17.77
N ASN B 331 -30.50 17.72 17.15
CA ASN B 331 -29.13 17.58 17.61
C ASN B 331 -28.09 17.98 16.57
N ILE B 332 -28.52 18.79 15.62
CA ILE B 332 -27.63 19.37 14.63
C ILE B 332 -27.82 20.87 14.67
N THR B 333 -26.98 21.60 13.96
CA THR B 333 -26.98 23.06 14.02
C THR B 333 -28.09 23.69 13.16
N VAL B 334 -28.58 24.84 13.60
CA VAL B 334 -29.75 25.47 13.00
C VAL B 334 -29.63 25.68 11.49
N PRO B 335 -28.46 26.17 11.01
CA PRO B 335 -28.29 26.35 9.56
C PRO B 335 -28.64 25.11 8.77
N LEU B 336 -28.31 23.95 9.33
CA LEU B 336 -28.57 22.69 8.68
C LEU B 336 -30.03 22.28 8.88
N GLN B 337 -30.58 22.57 10.05
CA GLN B 337 -32.01 22.37 10.28
C GLN B 337 -32.81 23.09 9.21
N THR B 338 -32.45 24.35 8.96
CA THR B 338 -33.12 25.17 7.97
C THR B 338 -33.12 24.51 6.61
N ASP B 339 -31.91 24.17 6.16
CA ASP B 339 -31.68 23.67 4.82
C ASP B 339 -32.32 22.30 4.59
N LEU B 340 -32.75 21.64 5.66
CA LEU B 340 -33.40 20.34 5.55
C LEU B 340 -34.92 20.49 5.60
N ARG B 341 -35.41 21.63 5.12
CA ARG B 341 -36.83 21.89 5.03
C ARG B 341 -37.15 22.68 3.76
N ARG B 344 -37.29 19.24 2.54
CA ARG B 344 -37.81 18.65 3.76
C ARG B 344 -38.13 17.17 3.57
N THR B 345 -39.08 16.68 4.37
CA THR B 345 -39.58 15.31 4.29
C THR B 345 -38.64 14.29 4.93
N TYR B 346 -37.81 14.72 5.87
CA TYR B 346 -36.93 13.82 6.61
C TYR B 346 -37.48 13.48 7.98
N LYS B 347 -37.45 12.19 8.30
CA LYS B 347 -37.96 11.70 9.57
C LYS B 347 -36.86 11.78 10.62
N GLY B 348 -37.12 12.52 11.68
CA GLY B 348 -36.13 12.80 12.69
C GLY B 348 -35.78 11.58 13.51
N GLY B 349 -36.68 10.60 13.55
CA GLY B 349 -36.46 9.40 14.33
C GLY B 349 -35.79 8.29 13.54
N SER B 350 -35.47 8.54 12.27
CA SER B 350 -34.96 7.50 11.37
C SER B 350 -33.47 7.63 11.10
N VAL B 351 -32.73 6.60 11.48
CA VAL B 351 -31.33 6.44 11.10
C VAL B 351 -31.18 6.51 9.58
N ARG B 352 -32.05 5.78 8.89
CA ARG B 352 -32.02 5.76 7.43
C ARG B 352 -32.08 7.18 6.89
N ASP B 353 -32.89 8.03 7.51
CA ASP B 353 -33.08 9.37 6.98
C ASP B 353 -31.90 10.27 7.34
N LEU B 354 -31.30 10.04 8.50
CA LEU B 354 -30.12 10.80 8.88
C LEU B 354 -29.00 10.52 7.90
N LEU B 355 -28.86 9.25 7.53
CA LEU B 355 -27.84 8.87 6.56
C LEU B 355 -28.12 9.44 5.18
N ARG B 356 -29.40 9.43 4.78
CA ARG B 356 -29.82 10.03 3.52
C ARG B 356 -29.57 11.53 3.54
N ALA B 357 -29.79 12.14 4.70
CA ALA B 357 -29.51 13.57 4.89
C ALA B 357 -28.05 13.85 4.65
N MET B 358 -27.19 13.09 5.33
CA MET B 358 -25.76 13.23 5.17
C MET B 358 -25.33 13.04 3.73
N ARG B 359 -25.88 12.03 3.07
CA ARG B 359 -25.55 11.77 1.67
C ARG B 359 -26.01 12.93 0.80
N ASN B 360 -27.19 13.46 1.07
CA ASN B 360 -27.73 14.52 0.23
C ASN B 360 -26.82 15.75 0.27
N LYS B 361 -26.49 16.21 1.48
CA LYS B 361 -25.65 17.39 1.66
C LYS B 361 -24.22 17.20 1.17
N LYS B 362 -23.70 15.99 1.25
CA LYS B 362 -22.39 15.72 0.67
C LYS B 362 -22.41 15.87 -0.84
N HIS B 363 -23.36 15.20 -1.49
CA HIS B 363 -23.40 15.17 -2.95
C HIS B 363 -23.62 16.57 -3.53
N HIS B 364 -24.49 17.35 -2.90
CA HIS B 364 -24.83 18.72 -3.32
C HIS B 364 -24.02 19.81 -2.62
N TYR B 365 -22.92 19.41 -2.00
CA TYR B 365 -22.13 20.32 -1.18
C TYR B 365 -21.78 21.65 -1.85
N ARG B 366 -21.28 21.57 -3.08
CA ARG B 366 -20.84 22.75 -3.81
C ARG B 366 -21.91 23.83 -3.89
N GLU B 367 -23.16 23.39 -3.97
CA GLU B 367 -24.29 24.25 -4.26
C GLU B 367 -25.05 24.68 -3.02
N LEU B 368 -24.49 24.40 -1.85
CA LEU B 368 -25.15 24.75 -0.59
C LEU B 368 -24.81 26.18 -0.20
N PRO B 369 -25.74 26.86 0.51
CA PRO B 369 -25.47 28.20 1.06
C PRO B 369 -24.17 28.24 1.85
N ALA B 370 -23.47 29.37 1.83
CA ALA B 370 -22.19 29.47 2.51
C ALA B 370 -22.32 29.22 4.01
N GLU B 371 -23.43 29.65 4.59
CA GLU B 371 -23.65 29.46 6.03
C GLU B 371 -23.84 27.99 6.35
N VAL B 372 -24.32 27.22 5.37
CA VAL B 372 -24.52 25.79 5.52
C VAL B 372 -23.19 25.05 5.30
N ARG B 373 -22.46 25.42 4.25
CA ARG B 373 -21.14 24.85 4.01
C ARG B 373 -20.23 25.17 5.20
N GLU B 374 -20.52 26.27 5.87
CA GLU B 374 -19.73 26.73 7.01
C GLU B 374 -19.90 25.84 8.24
N THR B 375 -21.15 25.59 8.64
CA THR B 375 -21.42 24.83 9.85
C THR B 375 -20.99 23.37 9.71
N LEU B 376 -21.07 22.82 8.51
CA LEU B 376 -20.64 21.45 8.25
C LEU B 376 -19.12 21.32 8.30
N GLY B 377 -18.44 22.18 7.56
CA GLY B 377 -17.01 22.06 7.37
C GLY B 377 -16.71 21.42 6.02
N SER B 378 -15.43 21.36 5.67
CA SER B 378 -15.03 20.90 4.34
C SER B 378 -15.08 19.40 4.18
N LEU B 379 -15.28 18.95 2.94
CA LEU B 379 -15.23 17.53 2.62
C LEU B 379 -13.79 17.07 2.50
N PRO B 380 -13.48 15.84 2.96
CA PRO B 380 -14.36 14.88 3.63
C PRO B 380 -14.24 14.95 5.14
N ASP B 381 -13.07 15.35 5.63
CA ASP B 381 -12.74 15.20 7.04
C ASP B 381 -13.69 15.91 8.01
N ASP B 382 -13.89 17.21 7.85
CA ASP B 382 -14.67 17.96 8.84
C ASP B 382 -16.14 17.62 8.72
N PHE B 383 -16.58 17.36 7.50
CA PHE B 383 -17.96 17.02 7.22
C PHE B 383 -18.35 15.76 8.02
N VAL B 384 -17.56 14.70 7.92
CA VAL B 384 -17.96 13.46 8.59
C VAL B 384 -17.92 13.65 10.10
N CYS B 385 -16.90 14.35 10.59
CA CYS B 385 -16.79 14.61 12.02
C CYS B 385 -17.96 15.40 12.57
N TYR B 386 -18.53 16.27 11.75
CA TYR B 386 -19.72 17.01 12.17
C TYR B 386 -20.76 16.03 12.69
N PHE B 387 -20.89 14.90 11.99
CA PHE B 387 -21.93 13.93 12.31
C PHE B 387 -21.49 12.88 13.33
N THR B 388 -20.26 12.39 13.25
CA THR B 388 -19.84 11.37 14.22
C THR B 388 -19.59 11.97 15.60
N SER B 389 -19.22 13.25 15.65
CA SER B 389 -19.04 13.91 16.93
C SER B 389 -20.37 14.03 17.65
N ARG B 390 -21.43 14.21 16.88
CA ARG B 390 -22.75 14.48 17.44
C ARG B 390 -23.56 13.21 17.66
N PHE B 391 -23.17 12.14 16.98
CA PHE B 391 -23.90 10.87 17.02
C PHE B 391 -22.86 9.77 17.16
N PRO B 392 -22.31 9.62 18.36
CA PRO B 392 -21.13 8.77 18.59
C PRO B 392 -21.36 7.29 18.26
N HIS B 393 -22.62 6.88 18.15
CA HIS B 393 -22.94 5.49 17.88
C HIS B 393 -23.28 5.21 16.42
N LEU B 394 -23.33 6.25 15.58
CA LEU B 394 -23.85 6.09 14.21
C LEU B 394 -23.01 5.12 13.38
N LEU B 395 -21.70 5.30 13.37
CA LEU B 395 -20.88 4.42 12.54
C LEU B 395 -20.93 3.00 13.05
N ALA B 396 -20.73 2.80 14.35
CA ALA B 396 -20.69 1.45 14.90
C ALA B 396 -22.01 0.71 14.67
N HIS B 397 -23.11 1.40 14.95
CA HIS B 397 -24.44 0.88 14.70
C HIS B 397 -24.65 0.54 13.23
N THR B 398 -24.31 1.47 12.35
CA THR B 398 -24.56 1.29 10.94
C THR B 398 -23.67 0.17 10.42
N TYR B 399 -22.46 0.10 10.96
CA TYR B 399 -21.52 -0.94 10.55
C TYR B 399 -22.05 -2.34 10.88
N ARG B 400 -22.62 -2.50 12.09
CA ARG B 400 -23.19 -3.79 12.50
C ARG B 400 -24.41 -4.15 11.65
N ALA B 401 -25.32 -3.20 11.47
CA ALA B 401 -26.54 -3.48 10.75
C ALA B 401 -26.29 -3.88 9.31
N MET B 402 -25.30 -3.25 8.68
CA MET B 402 -25.06 -3.47 7.24
C MET B 402 -24.18 -4.68 6.98
N GLU B 403 -23.87 -5.44 8.02
CA GLU B 403 -23.16 -6.70 7.83
C GLU B 403 -23.98 -7.64 6.95
N LEU B 404 -25.29 -7.41 6.91
CA LEU B 404 -26.21 -8.11 6.00
C LEU B 404 -25.75 -8.01 4.54
N CYS B 405 -25.06 -6.94 4.21
CA CYS B 405 -24.64 -6.71 2.84
C CYS B 405 -23.16 -6.97 2.65
N SER B 406 -22.50 -7.54 3.67
CA SER B 406 -21.03 -7.65 3.67
C SER B 406 -20.47 -8.48 2.53
N HIS B 407 -21.33 -9.29 1.93
CA HIS B 407 -20.96 -10.16 0.82
CA HIS B 407 -20.93 -10.16 0.82
C HIS B 407 -21.08 -9.47 -0.54
N GLU B 408 -21.82 -8.36 -0.56
CA GLU B 408 -22.02 -7.62 -1.80
C GLU B 408 -20.72 -6.90 -2.24
N ARG B 409 -20.45 -6.90 -3.54
CA ARG B 409 -19.21 -6.32 -4.05
C ARG B 409 -18.97 -4.91 -3.53
N LEU B 410 -20.03 -4.13 -3.45
CA LEU B 410 -19.93 -2.72 -3.07
C LEU B 410 -19.29 -2.56 -1.68
N PHE B 411 -19.54 -3.51 -0.80
CA PHE B 411 -19.11 -3.39 0.59
C PHE B 411 -17.83 -4.17 0.91
N GLN B 412 -17.14 -4.61 -0.14
CA GLN B 412 -15.89 -5.33 0.00
C GLN B 412 -14.82 -4.50 0.72
N PRO B 413 -14.75 -3.19 0.44
CA PRO B 413 -13.76 -2.40 1.18
C PRO B 413 -13.91 -2.49 2.69
N TYR B 414 -15.12 -2.78 3.18
CA TYR B 414 -15.45 -2.54 4.58
C TYR B 414 -15.53 -3.77 5.48
N TYR B 415 -15.70 -4.96 4.91
CA TYR B 415 -15.91 -6.17 5.69
C TYR B 415 -14.91 -7.23 5.27
N PHE B 416 -14.69 -8.20 6.13
CA PHE B 416 -13.74 -9.26 5.86
C PHE B 416 -14.47 -10.49 5.36
N HIS B 417 -14.01 -11.05 4.25
CA HIS B 417 -14.60 -12.23 3.64
C HIS B 417 -13.81 -13.48 4.01
#